data_8FSJ
#
_entry.id   8FSJ
#
_cell.length_a   1.00
_cell.length_b   1.00
_cell.length_c   1.00
_cell.angle_alpha   90.00
_cell.angle_beta   90.00
_cell.angle_gamma   90.00
#
_symmetry.space_group_name_H-M   'P 1'
#
loop_
_entity.id
_entity.type
_entity.pdbx_description
1 polymer 'HCV E2 ectodomain, SYNZIP2 scaffold fusion'
2 polymer 'HEPC74 heavy chain'
3 polymer 'HEPC74 light chain'
4 polymer 'HCV E1 ectodomain, SYNZIP1 scaffold fusion'
5 polymer 'AR4A light chain'
6 polymer 'AR4A heavy chain'
7 branched 2-acetamido-2-deoxy-beta-D-glucopyranose-(1-4)-2-acetamido-2-deoxy-beta-D-glucopyranose
8 branched beta-D-mannopyranose-(1-4)-2-acetamido-2-deoxy-beta-D-glucopyranose-(1-4)-2-acetamido-2-deoxy-beta-D-glucopyranose
9 non-polymer 2-acetamido-2-deoxy-beta-D-glucopyranose
#
loop_
_entity_poly.entity_id
_entity_poly.type
_entity_poly.pdbx_seq_one_letter_code
_entity_poly.pdbx_strand_id
1 'polypeptide(L)'
;STHVTGGTASHTTRHFASLFSSGASQRVQLINTNGSWHINRTALNCNDSLHTGFLAALFYTHKFNASGCPERMAHCRPID
EFAQGWGPITYAEGHGSDQRPYCWHYAPRQCGTIPASQVCGPVYCFTPSPVVVGTTDRFGAPTYTWGENETDVLILNNTR
PPQGNWFGCTWMNSTGFTKTCGGPPCNIGGVGNNTLTCPTDCFRKHPEATYTKCGSGPWLTPRCLVDYPYRLWHYPCTVN
FTIFKVRMYVGGVEHRLNAACNWTRGERCDLQDRDRSELSPLLLSTTEWQILPCSFTTLPALSTGLIHLHQNIVDVQYLY
GIGSAVVSFAIPGGLVAQLENEVASLENENETLKKKNLHKKDLIAYLEKEIANLRKKIEHHHHHH
;
E
2 'polypeptide(L)'
;QVQLVQSGAEVKKPGSSVKVSCTTSGGTYINYAISWVRQAPGQGLEWVGGMSPISNTPKYAQKFQGRVTITADESTSTTY
MELSSLRPEDTAVYYCARDLLKYCGGGNCHSLLVDPWGQGTLVTVSSASTKGPSVFPLAPSSKSTSGGTAALGCLVKDYF
PEPVTVSWNSGALTSGVHTFPAVLQSSGLYSLSSVVTVPSSSLGTQTYICNVNHKPSNTKVDKRVEPKSCDKTAGWSHPQ
FEKGGGSGGGSGGSSAWSHPQFEK
;
H
3 'polypeptide(L)'
;DIVMTQSPSTLSASVGDRVTISCRASQSISSWLAWYQQKPGRAPKLLIYKASSLETGVPSRFSGSGSGTEFTLTISSLQP
DDFATYYCQHYNTYLFTFGPGTKVDLKRTVAAPSVFIFPPSDEQLKSGTASVVCLLNNFYPREAKVQWKVDNALQSGNSQ
ESVTEQDSKDSTYSLSSTLTLSKADYEKHKVYACEVTHQGLSSPVTKSFNRGEC
;
L
4 'polypeptide(L)'
;YEVRNASGLYHVTNDCSNASIVYETTDMIMHTPGCVPCVREDNSSRCWVALTPTLAARNASVPTVAIRRHVDLLVGAAAF
CSAMYVGDLCGSVFLVSQLFTFSPRRHETVQDCNCSIYPGHVSGHRMAWDMMMNWSPTAALVVSQLLRIPQAVVDMVAPG
GRNAYLRKKIARLKKDNLQLERDEQNLEKIIANLRDEIARLENEVA
;
A
5 'polypeptide(L)'
;MGVPTQVLGLLLLWLTDARCEIELTLTQSPGTLSLSPGERATLSCRASQSVSNNYLAWYQQKPGQAPRLLIYGASSRATG
IPDRFSGSGSGTGFTLIISRLEPEDFAVYYCQQYGSSSITFGQGTRLEIKRTVAAPSVFIFPPSDEQLKSGTASVVCLLN
NFYREAKVQWKVDNALQSGNSQESVTEQDSKDSTYSLSSTLTLSKADYEKHKVYACEVTHQGLSSPVTKSFNRGEC
;
B
6 'polypeptide(L)'
;MYRMQLLSCIALSLALVTNSEVQLLEQSGPEVKKPGDSLRISCKMSGDSLVTTWIGWVRQKPGQGLEWMGIINPGDSSTN
IYPGDSATRYGPSFQGQVTISIDKSTSTAYLQWNNVKASDTGIYYCARHVPVPISGTFLWREREMHDFGYFDDWGQGTLV
IVSSASTKGPSVFPLAPSSKSTSGGTAALGCLVKDYFPEPVTVSWNSGALTSGVHTFPAVLQSSGLYSLSSVVTVPSSSL
GTQTYICNVNHKPSNTKVDKKVEPKSCAGWSHPQFEKGGGSGGGSGGSSAWSHPQFEK
;
C
#
# COMPACT_ATOMS: atom_id res chain seq x y z
N HIS A 38 21.05 21.63 -18.31
CA HIS A 38 22.38 20.98 -18.49
C HIS A 38 23.23 21.76 -19.50
N ILE A 39 23.45 23.03 -19.19
CA ILE A 39 24.26 23.91 -20.03
C ILE A 39 25.52 24.27 -19.27
N ASN A 40 26.54 24.72 -19.99
CA ASN A 40 27.84 25.01 -19.38
C ASN A 40 27.89 26.42 -18.82
N ARG A 41 26.73 27.00 -18.53
CA ARG A 41 26.65 28.27 -17.82
C ARG A 41 25.79 28.16 -16.56
N THR A 42 25.62 26.96 -16.03
CA THR A 42 24.77 26.72 -14.87
C THR A 42 25.59 26.11 -13.75
N ALA A 43 25.65 26.79 -12.62
CA ALA A 43 26.41 26.29 -11.48
C ALA A 43 25.83 24.97 -11.00
N LEU A 44 26.71 24.07 -10.56
CA LEU A 44 26.29 22.75 -10.11
C LEU A 44 27.08 22.31 -8.89
N ASN A 45 27.61 23.26 -8.12
CA ASN A 45 28.41 22.95 -6.93
C ASN A 45 27.47 22.58 -5.79
N CYS A 46 27.54 21.34 -5.33
CA CYS A 46 26.74 20.93 -4.19
C CYS A 46 27.15 19.57 -3.66
N ASN A 47 26.94 19.41 -2.36
CA ASN A 47 27.32 18.23 -1.59
C ASN A 47 26.03 17.67 -0.99
N ASP A 48 25.65 16.46 -1.38
CA ASP A 48 24.51 15.78 -0.76
C ASP A 48 24.94 15.23 0.61
N SER A 49 25.40 16.16 1.46
CA SER A 49 26.07 15.77 2.69
C SER A 49 25.15 15.04 3.64
N LEU A 50 23.84 15.30 3.57
CA LEU A 50 22.88 14.61 4.42
C LEU A 50 22.37 13.31 3.81
N HIS A 51 22.86 12.94 2.62
CA HIS A 51 22.51 11.68 1.98
C HIS A 51 20.99 11.55 1.81
N THR A 52 20.34 12.67 1.53
CA THR A 52 18.89 12.69 1.33
C THR A 52 18.49 12.48 -0.12
N GLY A 53 19.45 12.46 -1.04
CA GLY A 53 19.16 12.18 -2.43
C GLY A 53 18.30 13.22 -3.13
N PHE A 54 18.44 14.49 -2.73
CA PHE A 54 17.70 15.54 -3.42
C PHE A 54 18.25 15.78 -4.82
N LEU A 55 19.54 15.55 -5.02
CA LEU A 55 20.15 15.84 -6.31
C LEU A 55 19.68 14.90 -7.41
N ALA A 56 19.13 13.74 -7.04
CA ALA A 56 18.63 12.82 -8.06
C ALA A 56 17.48 13.43 -8.85
N ALA A 57 16.58 14.15 -8.17
CA ALA A 57 15.43 14.74 -8.85
C ALA A 57 15.84 15.73 -9.93
N LEU A 58 17.08 16.23 -9.88
CA LEU A 58 17.55 17.10 -10.95
C LEU A 58 17.68 16.34 -12.27
N PHE A 59 18.04 15.05 -12.20
CA PHE A 59 18.25 14.25 -13.39
C PHE A 59 17.06 13.37 -13.75
N TYR A 60 16.56 12.58 -12.80
CA TYR A 60 15.43 11.70 -13.06
C TYR A 60 14.38 11.92 -11.97
N THR A 61 13.15 12.18 -12.38
CA THR A 61 12.10 12.50 -11.42
C THR A 61 11.87 11.33 -10.47
N HIS A 62 11.58 11.66 -9.21
CA HIS A 62 11.24 10.68 -8.20
C HIS A 62 10.15 11.25 -7.32
N LYS A 63 9.17 10.42 -6.99
CA LYS A 63 8.04 10.88 -6.20
C LYS A 63 8.51 11.33 -4.82
N PHE A 64 7.88 12.39 -4.31
CA PHE A 64 8.20 12.92 -2.99
C PHE A 64 7.28 12.31 -1.94
N ASN A 65 7.87 11.83 -0.85
CA ASN A 65 7.11 11.22 0.23
C ASN A 65 6.17 12.24 0.84
N ALA A 66 4.86 12.05 0.64
CA ALA A 66 3.89 13.07 0.98
C ALA A 66 3.56 13.11 2.47
N SER A 67 3.91 12.08 3.24
CA SER A 67 3.50 12.01 4.63
C SER A 67 4.16 13.07 5.50
N GLY A 68 5.17 13.76 5.01
CA GLY A 68 5.86 14.78 5.79
C GLY A 68 5.32 16.18 5.65
N CYS A 69 4.52 16.45 4.62
CA CYS A 69 4.01 17.81 4.41
C CYS A 69 3.16 18.32 5.57
N PRO A 70 2.22 17.55 6.13
CA PRO A 70 1.40 18.11 7.23
C PRO A 70 2.22 18.61 8.40
N GLU A 71 3.49 18.22 8.50
CA GLU A 71 4.39 18.79 9.49
C GLU A 71 5.25 19.92 8.92
N ARG A 72 5.68 19.78 7.67
CA ARG A 72 6.54 20.80 7.07
C ARG A 72 5.81 22.13 6.96
N MET A 73 4.52 22.11 6.62
CA MET A 73 3.71 23.31 6.50
C MET A 73 2.85 23.55 7.74
N ALA A 74 3.38 23.22 8.91
CA ALA A 74 2.65 23.39 10.16
C ALA A 74 2.72 24.81 10.71
N HIS A 75 3.47 25.70 10.06
CA HIS A 75 3.56 27.09 10.48
C HIS A 75 3.30 28.05 9.32
N CYS A 76 2.54 27.60 8.32
CA CYS A 76 2.07 28.46 7.24
C CYS A 76 0.67 28.92 7.61
N ARG A 77 0.59 29.91 8.50
CA ARG A 77 -0.70 30.33 9.03
C ARG A 77 -1.54 30.99 7.94
N PRO A 78 -2.87 30.93 8.06
CA PRO A 78 -3.73 31.55 7.05
C PRO A 78 -3.74 33.08 7.18
N ILE A 79 -4.12 33.72 6.08
CA ILE A 79 -4.18 35.18 6.04
C ILE A 79 -5.24 35.70 7.01
N ASP A 80 -6.19 34.86 7.41
CA ASP A 80 -7.31 35.34 8.23
C ASP A 80 -6.86 35.72 9.64
N GLU A 81 -5.90 34.98 10.20
CA GLU A 81 -5.52 35.13 11.61
C GLU A 81 -4.28 36.01 11.72
N PHE A 82 -4.49 37.32 11.64
CA PHE A 82 -3.37 38.26 11.72
C PHE A 82 -3.91 39.62 12.15
N ALA A 83 -3.04 40.62 12.10
CA ALA A 83 -3.38 41.98 12.48
C ALA A 83 -3.95 42.75 11.28
N GLN A 84 -4.39 43.97 11.53
CA GLN A 84 -5.09 44.79 10.55
C GLN A 84 -4.37 46.12 10.38
N GLY A 85 -3.97 46.43 9.14
CA GLY A 85 -3.30 47.70 8.87
C GLY A 85 -4.29 48.84 8.76
N TRP A 86 -3.87 50.01 9.25
CA TRP A 86 -4.79 51.15 9.37
C TRP A 86 -4.17 52.48 8.99
N GLY A 87 -2.92 52.51 8.54
CA GLY A 87 -2.24 53.77 8.34
C GLY A 87 -1.47 53.83 7.04
N PRO A 88 -0.63 54.86 6.87
CA PRO A 88 0.17 54.96 5.66
C PRO A 88 1.15 53.79 5.56
N ILE A 89 1.45 53.42 4.32
CA ILE A 89 2.22 52.21 4.02
C ILE A 89 3.52 52.62 3.34
N THR A 90 4.63 52.10 3.86
CA THR A 90 5.96 52.43 3.38
C THR A 90 6.75 51.15 3.09
N TYR A 91 7.63 51.22 2.10
CA TYR A 91 8.51 50.10 1.81
C TYR A 91 9.29 49.73 3.07
N ALA A 92 9.11 48.49 3.52
CA ALA A 92 9.63 48.08 4.82
C ALA A 92 11.14 47.95 4.81
N GLU A 93 11.71 47.56 5.95
CA GLU A 93 13.14 47.41 6.12
C GLU A 93 13.49 45.93 6.17
N GLY A 94 14.79 45.64 6.06
CA GLY A 94 15.25 44.27 6.07
C GLY A 94 14.75 43.49 7.27
N HIS A 95 13.92 42.47 7.01
CA HIS A 95 13.37 41.60 8.05
C HIS A 95 14.23 40.36 8.14
N GLY A 96 15.12 40.32 9.12
CA GLY A 96 15.98 39.19 9.36
C GLY A 96 15.54 38.41 10.60
N SER A 97 14.90 37.26 10.36
CA SER A 97 14.49 36.38 11.44
C SER A 97 14.75 34.92 11.09
N ASP A 98 15.42 34.68 9.96
CA ASP A 98 15.74 33.32 9.50
C ASP A 98 14.50 32.44 9.44
N GLN A 99 13.40 32.97 8.93
CA GLN A 99 12.15 32.20 8.86
C GLN A 99 12.26 31.11 7.80
N ARG A 100 11.16 30.38 7.57
CA ARG A 100 11.15 29.32 6.59
C ARG A 100 10.73 29.87 5.23
N PRO A 101 11.46 29.53 4.15
CA PRO A 101 11.22 30.19 2.86
C PRO A 101 10.17 29.54 1.97
N TYR A 102 9.45 28.53 2.47
CA TYR A 102 8.41 27.93 1.64
C TYR A 102 7.02 28.50 1.95
N CYS A 103 6.80 29.02 3.16
CA CYS A 103 5.54 29.67 3.45
C CYS A 103 5.39 30.92 2.59
N TRP A 104 4.15 31.27 2.28
CA TRP A 104 3.89 32.40 1.40
C TRP A 104 4.23 33.73 2.06
N HIS A 105 4.04 33.84 3.38
CA HIS A 105 4.25 35.09 4.08
C HIS A 105 5.69 35.28 4.53
N TYR A 106 6.65 34.63 3.87
CA TYR A 106 8.06 34.85 4.18
C TYR A 106 8.49 36.22 3.66
N ALA A 107 9.18 36.98 4.51
CA ALA A 107 9.58 38.33 4.17
C ALA A 107 11.02 38.33 3.69
N PRO A 108 11.29 38.33 2.38
CA PRO A 108 12.68 38.31 1.91
C PRO A 108 13.39 39.61 2.21
N ARG A 109 14.65 39.72 1.80
CA ARG A 109 15.47 40.89 2.06
C ARG A 109 16.16 41.32 0.79
N GLN A 110 16.47 42.60 0.72
CA GLN A 110 17.31 43.09 -0.38
C GLN A 110 18.58 42.28 -0.45
N CYS A 111 18.93 41.81 -1.64
CA CYS A 111 20.16 41.06 -1.84
C CYS A 111 20.79 41.53 -3.15
N GLY A 112 21.74 40.74 -3.65
CA GLY A 112 22.55 41.14 -4.78
C GLY A 112 23.59 40.07 -5.09
N THR A 113 24.84 40.49 -5.24
CA THR A 113 25.89 39.54 -5.54
C THR A 113 25.93 38.43 -4.49
N ILE A 114 26.02 37.20 -4.97
CA ILE A 114 26.09 36.02 -4.11
C ILE A 114 27.17 35.10 -4.66
N PRO A 115 28.05 34.55 -3.82
CA PRO A 115 29.14 33.71 -4.36
C PRO A 115 28.58 32.49 -5.08
N ALA A 116 29.27 32.10 -6.15
CA ALA A 116 28.82 31.01 -7.01
C ALA A 116 29.06 29.63 -6.40
N SER A 117 29.51 29.55 -5.15
CA SER A 117 29.76 28.28 -4.49
C SER A 117 28.64 27.89 -3.54
N GLN A 118 27.49 28.54 -3.61
CA GLN A 118 26.38 28.29 -2.70
C GLN A 118 25.08 28.07 -3.45
N VAL A 119 25.16 27.73 -4.74
CA VAL A 119 23.97 27.54 -5.56
C VAL A 119 24.13 26.26 -6.38
N CYS A 120 23.13 25.38 -6.30
CA CYS A 120 23.13 24.12 -7.02
C CYS A 120 21.85 24.02 -7.83
N GLY A 121 21.99 23.74 -9.12
CA GLY A 121 20.88 23.78 -10.03
C GLY A 121 20.62 25.18 -10.50
N PRO A 122 19.83 25.33 -11.56
CA PRO A 122 19.60 26.67 -12.12
C PRO A 122 18.94 27.58 -11.10
N VAL A 123 19.30 28.86 -11.16
CA VAL A 123 18.71 29.86 -10.28
C VAL A 123 17.57 30.55 -11.02
N TYR A 124 16.36 30.45 -10.48
CA TYR A 124 15.17 31.10 -11.03
C TYR A 124 14.86 32.34 -10.22
N CYS A 125 15.27 33.49 -10.75
CA CYS A 125 14.85 34.79 -10.24
C CYS A 125 14.00 35.41 -11.34
N PHE A 126 12.71 35.63 -11.05
CA PHE A 126 11.71 35.79 -12.08
C PHE A 126 11.00 37.13 -12.00
N THR A 127 10.91 37.79 -13.16
CA THR A 127 9.91 38.81 -13.45
C THR A 127 8.57 38.10 -13.33
N PRO A 128 7.43 38.79 -13.33
CA PRO A 128 6.15 38.07 -13.15
C PRO A 128 6.06 36.78 -13.93
N SER A 129 6.78 36.67 -15.07
CA SER A 129 6.92 35.41 -15.78
C SER A 129 8.26 34.75 -15.46
N PRO A 130 8.29 33.46 -15.16
CA PRO A 130 9.56 32.82 -14.77
C PRO A 130 10.65 33.00 -15.82
N VAL A 131 11.78 33.57 -15.41
CA VAL A 131 12.95 33.72 -16.26
C VAL A 131 14.17 33.35 -15.43
N VAL A 132 15.23 32.93 -16.13
CA VAL A 132 16.43 32.36 -15.51
C VAL A 132 17.63 33.24 -15.83
N VAL A 133 18.48 33.43 -14.83
CA VAL A 133 19.72 34.19 -14.96
C VAL A 133 20.88 33.25 -14.69
N GLY A 134 21.83 33.20 -15.62
CA GLY A 134 22.97 32.32 -15.49
C GLY A 134 24.13 32.96 -14.75
N THR A 135 25.17 32.17 -14.53
CA THR A 135 26.36 32.65 -13.84
C THR A 135 27.10 33.67 -14.70
N THR A 136 27.65 34.68 -14.04
CA THR A 136 28.42 35.73 -14.69
C THR A 136 29.77 35.87 -14.00
N ASP A 137 30.65 36.67 -14.62
CA ASP A 137 31.97 36.90 -14.08
C ASP A 137 31.90 37.93 -12.96
N ARG A 138 33.07 38.43 -12.53
CA ARG A 138 33.10 39.38 -11.43
C ARG A 138 32.34 40.66 -11.78
N PHE A 139 32.36 41.07 -13.05
CA PHE A 139 31.77 42.33 -13.49
C PHE A 139 30.70 42.13 -14.55
N GLY A 140 30.09 40.94 -14.59
CA GLY A 140 28.93 40.70 -15.42
C GLY A 140 29.20 40.02 -16.74
N ALA A 141 30.46 39.92 -17.18
CA ALA A 141 30.75 39.26 -18.43
C ALA A 141 30.40 37.77 -18.33
N PRO A 142 29.96 37.16 -19.43
CA PRO A 142 29.53 35.75 -19.36
C PRO A 142 30.68 34.84 -18.99
N THR A 143 30.34 33.75 -18.31
CA THR A 143 31.29 32.74 -17.88
C THR A 143 30.80 31.36 -18.29
N TYR A 144 31.74 30.47 -18.57
CA TYR A 144 31.44 29.13 -19.06
C TYR A 144 32.30 28.08 -18.36
N THR A 145 32.45 28.20 -17.04
CA THR A 145 33.36 27.37 -16.27
C THR A 145 32.63 26.30 -15.46
N TRP A 146 31.36 26.04 -15.74
CA TRP A 146 30.57 25.08 -14.98
C TRP A 146 30.39 25.52 -13.53
N GLY A 147 30.69 26.77 -13.21
CA GLY A 147 30.54 27.26 -11.86
C GLY A 147 31.60 26.81 -10.89
N GLU A 148 32.60 26.07 -11.35
CA GLU A 148 33.67 25.56 -10.47
C GLU A 148 34.87 26.49 -10.53
N ASN A 149 34.70 27.68 -9.95
CA ASN A 149 35.77 28.65 -9.94
C ASN A 149 35.40 29.79 -8.99
N GLU A 150 36.41 30.37 -8.36
CA GLU A 150 36.17 31.47 -7.42
C GLU A 150 35.68 32.72 -8.15
N THR A 151 36.18 32.97 -9.35
CA THR A 151 35.83 34.20 -10.06
C THR A 151 34.33 34.26 -10.35
N ASP A 152 33.74 33.13 -10.76
CA ASP A 152 32.34 33.11 -11.13
C ASP A 152 31.47 33.54 -9.95
N VAL A 153 30.49 34.41 -10.22
CA VAL A 153 29.60 34.92 -9.19
C VAL A 153 28.27 35.26 -9.85
N LEU A 154 27.21 35.29 -9.03
CA LEU A 154 25.87 35.65 -9.48
C LEU A 154 25.56 37.07 -9.04
N ILE A 155 24.82 37.80 -9.88
CA ILE A 155 24.39 39.17 -9.59
C ILE A 155 22.87 39.17 -9.54
N LEU A 156 22.31 39.72 -8.47
CA LEU A 156 20.88 39.74 -8.23
C LEU A 156 20.43 41.10 -7.70
N ASN A 157 20.90 42.17 -8.33
CA ASN A 157 20.47 43.52 -7.99
C ASN A 157 19.04 43.72 -8.50
N ASN A 158 18.06 43.73 -7.60
CA ASN A 158 16.65 43.67 -7.99
C ASN A 158 15.92 44.98 -7.68
N THR A 159 15.01 45.35 -8.59
CA THR A 159 14.15 46.50 -8.43
C THR A 159 12.82 46.21 -9.11
N ARG A 160 11.76 46.84 -8.63
CA ARG A 160 10.43 46.58 -9.17
C ARG A 160 10.33 46.99 -10.63
N PRO A 161 9.61 46.21 -11.45
CA PRO A 161 9.17 46.69 -12.77
C PRO A 161 8.15 47.81 -12.63
N PRO A 162 7.82 48.49 -13.74
CA PRO A 162 8.32 48.27 -15.09
C PRO A 162 9.77 48.72 -15.30
N GLN A 163 10.22 49.72 -14.53
CA GLN A 163 11.55 50.27 -14.72
C GLN A 163 12.65 49.37 -14.16
N GLY A 164 12.32 48.40 -13.30
CA GLY A 164 13.30 47.51 -12.73
C GLY A 164 13.53 46.28 -13.57
N ASN A 165 13.95 45.21 -12.91
CA ASN A 165 14.33 43.97 -13.59
C ASN A 165 13.49 42.78 -13.17
N TRP A 166 13.30 42.53 -11.88
CA TRP A 166 12.53 41.38 -11.43
C TRP A 166 12.19 41.54 -9.96
N PHE A 167 11.18 40.79 -9.52
CA PHE A 167 10.67 40.93 -8.16
C PHE A 167 11.55 40.23 -7.14
N GLY A 168 11.67 38.90 -7.25
CA GLY A 168 12.40 38.13 -6.27
C GLY A 168 13.07 36.93 -6.91
N CYS A 169 13.89 36.26 -6.10
CA CYS A 169 14.67 35.11 -6.55
C CYS A 169 14.31 33.90 -5.72
N THR A 170 14.62 32.72 -6.25
CA THR A 170 14.47 31.49 -5.49
C THR A 170 15.38 30.42 -6.08
N TRP A 171 16.16 29.78 -5.21
CA TRP A 171 17.09 28.73 -5.62
C TRP A 171 17.32 27.83 -4.42
N MET A 172 18.05 26.74 -4.65
CA MET A 172 18.44 25.83 -3.59
C MET A 172 19.96 25.80 -3.50
N ASN A 173 20.48 26.05 -2.30
CA ASN A 173 21.92 26.18 -2.13
C ASN A 173 22.57 24.80 -2.11
N SER A 174 23.85 24.73 -1.76
CA SER A 174 24.61 23.52 -1.97
C SER A 174 23.98 22.32 -1.27
N THR A 175 23.71 22.43 0.02
CA THR A 175 23.33 21.27 0.81
C THR A 175 21.85 20.92 0.71
N GLY A 176 21.06 21.68 -0.05
CA GLY A 176 19.68 21.30 -0.32
C GLY A 176 18.63 21.97 0.55
N PHE A 177 18.73 23.29 0.69
CA PHE A 177 17.72 24.08 1.38
C PHE A 177 17.33 25.26 0.51
N THR A 178 16.03 25.47 0.34
CA THR A 178 15.55 26.56 -0.50
C THR A 178 15.98 27.90 0.08
N LYS A 179 16.37 28.82 -0.80
CA LYS A 179 16.73 30.18 -0.42
C LYS A 179 16.03 31.14 -1.37
N THR A 180 15.72 32.34 -0.87
CA THR A 180 14.97 33.32 -1.64
C THR A 180 15.54 34.71 -1.43
N CYS A 181 15.23 35.59 -2.38
CA CYS A 181 15.53 37.01 -2.29
C CYS A 181 14.25 37.79 -2.56
N GLY A 182 14.38 39.12 -2.66
CA GLY A 182 13.23 39.94 -3.01
C GLY A 182 13.42 41.37 -2.56
N GLY A 183 12.65 42.28 -3.17
CA GLY A 183 12.62 43.65 -2.77
C GLY A 183 11.88 43.85 -1.45
N PRO A 184 12.17 44.93 -0.75
CA PRO A 184 11.65 45.10 0.61
C PRO A 184 10.16 44.82 0.66
N PRO A 185 9.72 44.04 1.63
CA PRO A 185 8.28 43.92 1.83
C PRO A 185 7.68 45.23 2.29
N CYS A 186 6.39 45.24 2.60
CA CYS A 186 5.70 46.44 3.03
C CYS A 186 5.47 46.39 4.54
N ASN A 187 5.28 47.56 5.14
CA ASN A 187 4.99 47.66 6.56
C ASN A 187 3.52 48.01 6.73
N ILE A 188 2.69 46.96 6.80
CA ILE A 188 1.25 47.15 6.92
C ILE A 188 0.90 47.88 8.20
N GLY A 189 1.70 47.73 9.23
CA GLY A 189 1.47 48.41 10.50
C GLY A 189 0.64 47.54 11.44
N GLY A 190 -0.52 48.05 11.85
CA GLY A 190 -1.40 47.31 12.74
C GLY A 190 -1.04 47.50 14.19
N VAL A 191 -1.89 46.92 15.05
CA VAL A 191 -1.76 47.03 16.50
C VAL A 191 -1.54 45.65 17.06
N GLY A 192 -0.53 45.51 17.92
CA GLY A 192 -0.14 44.23 18.47
C GLY A 192 1.09 43.67 17.80
N ASN A 193 1.53 42.52 18.30
CA ASN A 193 2.71 41.84 17.79
C ASN A 193 2.40 40.96 16.58
N ASN A 194 1.20 41.08 16.01
CA ASN A 194 0.80 40.28 14.86
C ASN A 194 0.92 41.05 13.55
N THR A 195 1.86 41.99 13.47
CA THR A 195 2.07 42.70 12.22
C THR A 195 2.40 41.70 11.12
N LEU A 196 1.97 42.01 9.90
CA LEU A 196 2.03 41.06 8.80
C LEU A 196 3.27 41.22 7.91
N THR A 197 3.50 42.43 7.40
CA THR A 197 4.59 42.67 6.46
C THR A 197 4.43 41.80 5.20
N CYS A 198 3.38 42.08 4.45
CA CYS A 198 3.02 41.24 3.30
C CYS A 198 4.17 41.14 2.30
N PRO A 199 4.62 39.95 1.94
CA PRO A 199 5.53 39.80 0.80
C PRO A 199 4.84 39.65 -0.54
N THR A 200 3.50 39.68 -0.55
CA THR A 200 2.72 39.45 -1.76
C THR A 200 1.51 40.37 -1.81
N ASP A 201 0.56 40.06 -2.70
CA ASP A 201 -0.62 40.90 -2.91
C ASP A 201 -1.73 40.46 -1.97
N CYS A 202 -1.75 41.04 -0.78
CA CYS A 202 -2.76 40.78 0.22
C CYS A 202 -3.75 41.93 0.25
N PHE A 203 -4.82 41.82 -0.54
CA PHE A 203 -5.85 42.86 -0.49
C PHE A 203 -6.47 42.95 0.89
N ARG A 204 -6.78 41.81 1.50
CA ARG A 204 -7.28 41.84 2.86
C ARG A 204 -6.21 42.38 3.80
N LYS A 205 -6.67 42.96 4.90
CA LYS A 205 -5.83 43.53 5.96
C LYS A 205 -5.17 44.83 5.52
N HIS A 206 -5.24 45.16 4.23
CA HIS A 206 -4.87 46.49 3.76
C HIS A 206 -5.36 46.71 2.34
N PRO A 207 -6.57 47.25 2.14
CA PRO A 207 -7.11 47.33 0.78
C PRO A 207 -6.14 47.91 -0.24
N GLU A 208 -5.13 48.65 0.18
CA GLU A 208 -4.22 49.29 -0.76
C GLU A 208 -3.01 48.43 -1.12
N ALA A 209 -2.75 47.36 -0.39
CA ALA A 209 -1.65 46.47 -0.75
C ALA A 209 -1.95 45.79 -2.09
N THR A 210 -0.93 45.71 -2.94
CA THR A 210 -1.11 45.13 -4.27
C THR A 210 0.21 44.56 -4.76
N TYR A 211 0.12 43.64 -5.72
CA TYR A 211 1.32 42.93 -6.17
C TYR A 211 2.33 43.88 -6.78
N THR A 212 1.91 44.70 -7.74
CA THR A 212 2.84 45.55 -8.46
C THR A 212 3.56 46.53 -7.54
N LYS A 213 3.02 46.78 -6.35
CA LYS A 213 3.61 47.72 -5.41
C LYS A 213 4.09 47.08 -4.12
N CYS A 214 3.71 45.84 -3.84
CA CYS A 214 4.11 45.16 -2.63
C CYS A 214 4.65 43.75 -2.86
N GLY A 215 4.74 43.31 -4.11
CA GLY A 215 5.16 41.95 -4.38
C GLY A 215 6.63 41.75 -4.05
N SER A 216 6.95 40.53 -3.62
CA SER A 216 8.33 40.11 -3.39
C SER A 216 8.74 38.93 -4.25
N GLY A 217 7.99 37.84 -4.19
CA GLY A 217 8.39 36.60 -4.84
C GLY A 217 7.26 35.97 -5.64
N PRO A 218 7.27 34.64 -5.73
CA PRO A 218 6.33 33.97 -6.64
C PRO A 218 4.87 34.18 -6.30
N TRP A 219 4.52 34.28 -5.01
CA TRP A 219 3.12 34.17 -4.61
C TRP A 219 2.32 35.35 -5.14
N LEU A 220 1.52 35.09 -6.17
CA LEU A 220 0.64 36.12 -6.73
C LEU A 220 -0.42 36.52 -5.72
N THR A 221 -0.91 35.57 -4.94
CA THR A 221 -1.86 35.83 -3.87
C THR A 221 -1.54 34.88 -2.72
N PRO A 222 -2.27 34.92 -1.62
CA PRO A 222 -1.95 34.02 -0.51
C PRO A 222 -2.25 32.56 -0.81
N ARG A 223 -2.62 32.26 -2.05
CA ARG A 223 -3.05 30.92 -2.42
C ARG A 223 -2.33 30.34 -3.64
N CYS A 224 -1.78 31.16 -4.53
CA CYS A 224 -1.37 30.69 -5.84
C CYS A 224 0.09 31.04 -6.11
N LEU A 225 0.81 30.07 -6.67
CA LEU A 225 2.21 30.19 -7.04
C LEU A 225 2.35 30.52 -8.52
N VAL A 226 3.57 30.86 -8.93
CA VAL A 226 3.92 30.82 -10.34
C VAL A 226 4.52 29.45 -10.65
N ASP A 227 4.43 29.02 -11.91
CA ASP A 227 4.82 27.68 -12.30
C ASP A 227 6.01 27.74 -13.25
N TYR A 228 7.09 27.07 -12.88
CA TYR A 228 8.27 26.91 -13.70
C TYR A 228 8.70 25.45 -13.63
N PRO A 229 9.55 25.00 -14.56
CA PRO A 229 9.83 23.56 -14.65
C PRO A 229 10.19 22.90 -13.34
N TYR A 230 10.99 23.54 -12.49
CA TYR A 230 11.50 22.93 -11.28
C TYR A 230 10.70 23.32 -10.03
N ARG A 231 9.50 23.88 -10.21
CA ARG A 231 8.70 24.28 -9.06
C ARG A 231 8.53 23.12 -8.08
N LEU A 232 8.34 21.91 -8.60
CA LEU A 232 8.20 20.73 -7.75
C LEU A 232 9.50 20.39 -7.03
N TRP A 233 10.62 20.99 -7.41
CA TRP A 233 11.90 20.71 -6.78
C TRP A 233 12.15 21.63 -5.58
N HIS A 234 12.16 22.95 -5.82
CA HIS A 234 12.42 23.89 -4.73
C HIS A 234 11.34 23.82 -3.68
N TYR A 235 10.07 23.97 -4.08
CA TYR A 235 8.95 23.83 -3.17
C TYR A 235 8.49 22.38 -3.24
N PRO A 236 8.82 21.54 -2.25
CA PRO A 236 8.75 20.09 -2.47
C PRO A 236 7.37 19.58 -2.85
N CYS A 237 6.36 19.82 -2.02
CA CYS A 237 5.05 19.20 -2.21
C CYS A 237 3.95 20.24 -2.40
N THR A 238 4.22 21.23 -3.25
CA THR A 238 3.15 21.93 -3.95
C THR A 238 2.87 21.19 -5.26
N VAL A 239 2.49 19.92 -5.10
CA VAL A 239 2.37 18.99 -6.22
C VAL A 239 0.91 18.70 -6.60
N ASN A 240 -0.04 18.98 -5.70
CA ASN A 240 -1.45 18.77 -5.98
C ASN A 240 -2.15 20.03 -6.46
N PHE A 241 -1.43 21.13 -6.64
CA PHE A 241 -2.04 22.36 -7.09
C PHE A 241 -2.57 22.20 -8.51
N THR A 242 -3.80 22.68 -8.75
CA THR A 242 -4.32 22.76 -10.09
C THR A 242 -3.69 23.93 -10.84
N ILE A 243 -3.61 23.80 -12.16
CA ILE A 243 -2.93 24.78 -13.00
C ILE A 243 -3.97 25.60 -13.75
N PHE A 244 -3.77 26.92 -13.79
CA PHE A 244 -4.67 27.84 -14.45
C PHE A 244 -3.89 28.66 -15.47
N LYS A 245 -4.60 29.15 -16.48
CA LYS A 245 -4.03 30.04 -17.49
C LYS A 245 -4.49 31.46 -17.19
N VAL A 246 -3.53 32.32 -16.86
CA VAL A 246 -3.81 33.72 -16.56
C VAL A 246 -2.79 34.58 -17.29
N ARG A 247 -3.19 35.81 -17.60
CA ARG A 247 -2.30 36.79 -18.20
C ARG A 247 -2.44 38.11 -17.46
N MET A 248 -1.31 38.78 -17.26
CA MET A 248 -1.21 39.93 -16.39
C MET A 248 -0.55 41.09 -17.12
N TYR A 249 -0.87 42.31 -16.69
CA TYR A 249 -0.27 43.52 -17.24
C TYR A 249 0.44 44.27 -16.12
N VAL A 250 1.71 44.59 -16.34
CA VAL A 250 2.50 45.40 -15.42
C VAL A 250 3.24 46.45 -16.24
N GLY A 251 2.84 47.70 -16.11
CA GLY A 251 3.46 48.76 -16.89
C GLY A 251 3.29 48.61 -18.38
N GLY A 252 2.11 48.21 -18.84
CA GLY A 252 1.83 48.13 -20.25
C GLY A 252 2.69 47.13 -21.00
N VAL A 253 2.83 45.93 -20.46
CA VAL A 253 3.57 44.85 -21.11
C VAL A 253 2.77 43.57 -21.01
N GLU A 254 3.07 42.63 -21.91
CA GLU A 254 2.34 41.37 -21.98
C GLU A 254 3.00 40.32 -21.08
N HIS A 255 2.17 39.43 -20.54
CA HIS A 255 2.66 38.33 -19.72
C HIS A 255 1.66 37.19 -19.75
N ARG A 256 2.18 35.97 -19.90
CA ARG A 256 1.38 34.75 -19.84
C ARG A 256 1.92 33.90 -18.70
N LEU A 257 1.07 33.58 -17.73
CA LEU A 257 1.47 32.88 -16.52
C LEU A 257 0.69 31.58 -16.40
N ASN A 258 1.39 30.51 -16.07
CA ASN A 258 0.74 29.24 -15.73
C ASN A 258 0.64 29.08 -14.21
N ALA A 259 -0.13 29.98 -13.59
CA ALA A 259 -0.24 29.93 -12.14
C ALA A 259 -0.77 28.58 -11.68
N ALA A 260 -0.14 28.04 -10.64
CA ALA A 260 -0.52 26.74 -10.08
C ALA A 260 -1.01 26.98 -8.66
N CYS A 261 -2.32 26.94 -8.46
CA CYS A 261 -2.94 27.52 -7.29
C CYS A 261 -3.67 26.46 -6.47
N ASN A 262 -3.40 26.46 -5.16
CA ASN A 262 -3.98 25.48 -4.25
C ASN A 262 -5.49 25.43 -4.39
N TRP A 263 -6.08 24.33 -3.92
CA TRP A 263 -7.54 24.23 -3.92
C TRP A 263 -7.94 23.03 -3.08
N THR A 264 -9.24 22.88 -2.90
CA THR A 264 -9.88 21.58 -2.69
C THR A 264 -11.38 21.81 -2.70
N ARG A 265 -12.13 20.79 -3.11
CA ARG A 265 -13.58 20.92 -3.20
C ARG A 265 -14.21 21.02 -1.82
N GLY A 266 -15.33 21.74 -1.75
CA GLY A 266 -16.06 21.86 -0.51
C GLY A 266 -15.54 22.93 0.42
N GLU A 267 -14.47 23.64 0.03
CA GLU A 267 -13.90 24.69 0.87
C GLU A 267 -14.83 25.89 0.86
N ARG A 268 -15.11 26.44 2.04
CA ARG A 268 -15.95 27.62 2.13
C ARG A 268 -15.33 28.74 1.33
N CYS A 269 -16.12 29.36 0.46
CA CYS A 269 -15.71 30.54 -0.30
C CYS A 269 -16.78 31.61 -0.26
N ASP A 270 -17.27 31.90 0.94
CA ASP A 270 -18.19 33.02 1.11
C ASP A 270 -17.50 34.31 0.69
N LEU A 271 -18.28 35.36 0.49
CA LEU A 271 -17.76 36.57 -0.14
C LEU A 271 -16.60 37.18 0.65
N GLN A 272 -16.49 36.88 1.94
CA GLN A 272 -15.40 37.41 2.74
C GLN A 272 -14.13 36.55 2.64
N ASP A 273 -14.00 35.75 1.59
CA ASP A 273 -12.84 34.90 1.38
C ASP A 273 -12.32 35.03 -0.04
N ARG A 274 -12.22 36.26 -0.54
CA ARG A 274 -11.83 36.53 -1.91
C ARG A 274 -10.74 37.60 -1.96
N ASP A 275 -9.59 37.25 -2.51
CA ASP A 275 -8.43 38.11 -2.57
C ASP A 275 -8.28 38.71 -3.95
N ARG A 276 -7.86 39.97 -4.01
CA ARG A 276 -7.80 40.72 -5.26
C ARG A 276 -6.58 40.27 -6.05
N SER A 277 -6.82 39.44 -7.06
CA SER A 277 -5.76 39.03 -7.99
C SER A 277 -5.85 39.88 -9.25
N GLU A 278 -5.48 41.15 -9.11
CA GLU A 278 -5.56 42.08 -10.23
C GLU A 278 -4.81 41.52 -11.43
N LEU A 279 -5.47 41.54 -12.58
CA LEU A 279 -4.92 40.93 -13.78
C LEU A 279 -5.87 41.19 -14.94
N SER A 280 -5.38 40.95 -16.15
CA SER A 280 -6.21 41.04 -17.34
C SER A 280 -6.83 39.69 -17.62
N PRO A 281 -8.15 39.55 -17.57
CA PRO A 281 -8.77 38.23 -17.80
C PRO A 281 -8.43 37.69 -19.17
N LEU A 282 -8.79 36.42 -19.38
CA LEU A 282 -8.43 35.68 -20.58
C LEU A 282 -9.60 35.44 -21.51
N LEU A 283 -10.80 35.93 -21.17
CA LEU A 283 -11.99 35.74 -22.00
C LEU A 283 -12.27 34.24 -22.21
N LEU A 284 -12.58 33.57 -21.09
CA LEU A 284 -12.71 32.12 -21.11
C LEU A 284 -13.82 31.68 -22.05
N SER A 285 -14.97 32.35 -22.03
CA SER A 285 -16.10 32.01 -22.89
C SER A 285 -16.73 33.30 -23.40
N THR A 286 -17.93 33.18 -23.96
CA THR A 286 -18.58 34.34 -24.56
C THR A 286 -18.83 35.44 -23.55
N THR A 287 -19.26 35.07 -22.34
CA THR A 287 -19.60 36.05 -21.32
C THR A 287 -19.06 35.65 -19.95
N GLU A 288 -17.83 35.14 -19.90
CA GLU A 288 -17.21 34.73 -18.65
C GLU A 288 -15.71 34.97 -18.75
N TRP A 289 -15.07 35.06 -17.58
CA TRP A 289 -13.66 35.37 -17.48
C TRP A 289 -12.96 34.34 -16.61
N GLN A 290 -11.67 34.14 -16.87
CA GLN A 290 -10.86 33.17 -16.15
C GLN A 290 -10.18 33.89 -14.98
N ILE A 291 -10.51 33.48 -13.77
CA ILE A 291 -10.00 34.10 -12.55
C ILE A 291 -9.38 33.02 -11.68
N LEU A 292 -8.47 33.42 -10.81
CA LEU A 292 -7.88 32.46 -9.90
C LEU A 292 -8.96 31.92 -8.97
N PRO A 293 -8.83 30.68 -8.49
CA PRO A 293 -9.91 30.09 -7.70
C PRO A 293 -10.22 30.90 -6.46
N CYS A 294 -11.51 31.03 -6.17
CA CYS A 294 -12.01 31.71 -4.97
C CYS A 294 -11.31 33.05 -4.79
N SER A 295 -11.46 33.92 -5.79
CA SER A 295 -10.87 35.25 -5.79
C SER A 295 -11.64 36.12 -6.78
N PHE A 296 -11.08 37.28 -7.08
CA PHE A 296 -11.70 38.20 -8.03
C PHE A 296 -10.66 39.18 -8.56
N THR A 297 -10.88 39.66 -9.78
CA THR A 297 -10.03 40.66 -10.39
C THR A 297 -10.68 42.04 -10.31
N THR A 298 -9.95 43.07 -10.71
CA THR A 298 -10.39 44.45 -10.59
C THR A 298 -10.57 45.03 -11.99
N LEU A 299 -11.81 44.98 -12.49
CA LEU A 299 -12.17 45.61 -13.75
C LEU A 299 -13.67 45.90 -13.77
N PRO A 300 -14.10 47.00 -14.39
CA PRO A 300 -15.54 47.21 -14.55
C PRO A 300 -16.16 46.16 -15.46
N ALA A 301 -17.46 45.96 -15.28
CA ALA A 301 -18.20 44.99 -16.08
C ALA A 301 -18.12 45.33 -17.56
N LEU A 302 -18.56 44.41 -18.41
CA LEU A 302 -18.55 44.66 -19.85
C LEU A 302 -19.40 45.86 -20.20
N SER A 303 -20.55 46.02 -19.52
CA SER A 303 -21.43 47.14 -19.78
C SER A 303 -22.39 47.30 -18.61
N THR A 304 -22.39 48.50 -18.03
CA THR A 304 -23.32 48.85 -16.97
C THR A 304 -23.36 47.77 -15.89
N GLY A 305 -22.23 47.52 -15.23
CA GLY A 305 -22.22 46.49 -14.21
C GLY A 305 -21.02 46.64 -13.30
N LEU A 306 -21.20 46.13 -12.08
CA LEU A 306 -20.14 46.04 -11.09
C LEU A 306 -19.51 44.65 -11.18
N ILE A 307 -18.69 44.21 -10.23
CA ILE A 307 -18.16 42.85 -10.24
C ILE A 307 -19.27 41.89 -9.87
N HIS A 308 -19.48 40.88 -10.72
CA HIS A 308 -20.51 39.87 -10.53
C HIS A 308 -19.84 38.50 -10.47
N LEU A 309 -19.75 37.94 -9.27
CA LEU A 309 -19.10 36.66 -9.05
C LEU A 309 -20.14 35.58 -8.89
N HIS A 310 -19.88 34.41 -9.47
CA HIS A 310 -20.82 33.30 -9.42
C HIS A 310 -20.71 32.59 -8.07
N GLN A 311 -21.84 32.07 -7.60
CA GLN A 311 -21.93 31.60 -6.22
C GLN A 311 -21.23 30.27 -6.03
N ASN A 312 -21.27 29.40 -7.05
CA ASN A 312 -20.71 28.05 -6.95
C ASN A 312 -19.47 27.85 -7.81
N ILE A 313 -19.49 28.28 -9.06
CA ILE A 313 -18.30 28.16 -9.90
C ILE A 313 -17.32 29.24 -9.45
N VAL A 314 -16.34 28.85 -8.63
CA VAL A 314 -15.54 29.83 -7.91
C VAL A 314 -14.71 30.69 -8.86
N ASP A 315 -14.18 30.09 -9.92
CA ASP A 315 -13.16 30.76 -10.73
C ASP A 315 -13.74 31.41 -11.97
N VAL A 316 -14.94 31.99 -11.88
CA VAL A 316 -15.54 32.72 -12.98
C VAL A 316 -16.10 34.04 -12.47
N GLN A 317 -15.75 35.12 -13.15
CA GLN A 317 -16.34 36.44 -12.92
C GLN A 317 -17.07 36.85 -14.18
N TYR A 318 -18.36 37.16 -14.05
CA TYR A 318 -19.19 37.46 -15.20
C TYR A 318 -18.86 38.84 -15.75
N LEU A 319 -18.85 38.96 -17.07
CA LEU A 319 -18.52 40.23 -17.71
C LEU A 319 -19.55 41.30 -17.34
N TYR A 320 -20.81 41.07 -17.73
CA TYR A 320 -21.88 42.03 -17.51
C TYR A 320 -22.94 41.56 -16.54
N GLY A 321 -23.22 40.26 -16.48
CA GLY A 321 -24.24 39.74 -15.59
C GLY A 321 -25.65 39.89 -16.15
N GLN B 1 17.63 8.00 8.40
CA GLN B 1 16.51 7.23 9.01
C GLN B 1 16.04 6.10 8.08
N VAL B 2 16.41 6.19 6.81
CA VAL B 2 15.99 5.18 5.84
C VAL B 2 16.46 3.80 6.31
N GLN B 3 15.57 2.82 6.20
CA GLN B 3 15.87 1.43 6.53
C GLN B 3 15.72 0.58 5.29
N LEU B 4 16.71 -0.27 5.04
CA LEU B 4 16.67 -1.22 3.94
C LEU B 4 16.56 -2.62 4.53
N VAL B 5 15.57 -3.38 4.05
CA VAL B 5 15.31 -4.73 4.52
C VAL B 5 15.34 -5.67 3.32
N GLN B 6 16.09 -6.77 3.45
CA GLN B 6 16.24 -7.73 2.38
C GLN B 6 15.22 -8.86 2.56
N SER B 7 15.33 -9.89 1.73
CA SER B 7 14.52 -11.10 1.88
C SER B 7 15.12 -11.96 2.99
N GLY B 8 14.62 -13.19 3.12
CA GLY B 8 15.15 -14.11 4.11
C GLY B 8 16.27 -14.98 3.55
N ALA B 9 16.82 -15.81 4.42
CA ALA B 9 17.86 -16.75 4.02
C ALA B 9 17.27 -17.75 3.02
N GLU B 10 18.10 -18.18 2.07
CA GLU B 10 17.66 -19.05 1.00
C GLU B 10 18.63 -20.21 0.83
N VAL B 11 18.10 -21.35 0.38
CA VAL B 11 18.88 -22.53 0.05
C VAL B 11 18.34 -23.07 -1.26
N LYS B 12 19.24 -23.40 -2.19
CA LYS B 12 18.86 -23.92 -3.49
C LYS B 12 19.93 -24.88 -3.98
N LYS B 13 19.60 -25.60 -5.07
CA LYS B 13 20.49 -26.59 -5.65
C LYS B 13 21.17 -26.04 -6.90
N PRO B 14 22.36 -26.53 -7.24
CA PRO B 14 23.05 -26.02 -8.43
C PRO B 14 22.21 -26.20 -9.69
N GLY B 15 22.30 -25.24 -10.59
CA GLY B 15 21.57 -25.26 -11.83
C GLY B 15 20.26 -24.51 -11.82
N SER B 16 19.75 -24.17 -10.64
CA SER B 16 18.49 -23.45 -10.52
C SER B 16 18.75 -21.94 -10.58
N SER B 17 17.73 -21.15 -10.27
CA SER B 17 17.86 -19.69 -10.22
C SER B 17 17.26 -19.18 -8.91
N VAL B 18 17.87 -18.13 -8.37
CA VAL B 18 17.48 -17.58 -7.08
C VAL B 18 17.12 -16.11 -7.26
N LYS B 19 16.05 -15.69 -6.60
CA LYS B 19 15.54 -14.33 -6.69
C LYS B 19 15.57 -13.69 -5.32
N VAL B 20 16.18 -12.51 -5.23
CA VAL B 20 16.40 -11.81 -3.97
C VAL B 20 15.94 -10.36 -4.12
N SER B 21 15.28 -9.84 -3.09
CA SER B 21 14.68 -8.51 -3.14
C SER B 21 14.89 -7.78 -1.81
N CYS B 22 14.90 -6.45 -1.87
CA CYS B 22 14.96 -5.63 -0.67
C CYS B 22 14.21 -4.33 -0.94
N THR B 23 13.58 -3.80 0.12
CA THR B 23 12.72 -2.63 0.02
C THR B 23 13.19 -1.54 0.97
N THR B 24 13.15 -0.30 0.50
CA THR B 24 13.47 0.86 1.31
C THR B 24 12.25 1.30 2.11
N SER B 25 12.51 2.08 3.16
CA SER B 25 11.43 2.58 4.00
C SER B 25 11.90 3.83 4.74
N GLY B 26 10.96 4.73 4.98
CA GLY B 26 11.23 5.93 5.76
C GLY B 26 12.20 6.90 5.11
N GLY B 27 12.05 7.12 3.80
CA GLY B 27 12.91 8.04 3.10
C GLY B 27 12.16 9.25 2.58
N THR B 28 12.84 10.39 2.49
CA THR B 28 12.17 11.60 2.01
C THR B 28 11.58 11.39 0.63
N TYR B 29 12.20 10.55 -0.19
CA TYR B 29 11.68 10.21 -1.51
C TYR B 29 11.10 8.80 -1.48
N ILE B 30 10.52 8.40 -2.61
CA ILE B 30 9.83 7.12 -2.70
C ILE B 30 10.77 6.04 -3.22
N ASN B 31 11.27 6.21 -4.44
CA ASN B 31 12.07 5.19 -5.10
C ASN B 31 13.54 5.59 -5.10
N TYR B 32 14.38 4.68 -4.59
CA TYR B 32 15.82 4.84 -4.60
C TYR B 32 16.44 3.75 -5.47
N ALA B 33 17.41 4.14 -6.30
CA ALA B 33 18.17 3.15 -7.05
C ALA B 33 18.98 2.29 -6.07
N ILE B 34 18.94 0.98 -6.28
CA ILE B 34 19.57 0.02 -5.37
C ILE B 34 20.63 -0.75 -6.14
N SER B 35 21.80 -0.89 -5.53
CA SER B 35 22.92 -1.62 -6.12
C SER B 35 23.36 -2.72 -5.16
N TRP B 36 23.68 -3.89 -5.72
CA TRP B 36 23.99 -5.07 -4.94
C TRP B 36 25.48 -5.36 -4.99
N VAL B 37 25.98 -6.05 -3.96
CA VAL B 37 27.36 -6.51 -3.92
C VAL B 37 27.40 -7.92 -3.35
N ARG B 38 28.51 -8.60 -3.58
CA ARG B 38 28.67 -10.00 -3.22
C ARG B 38 30.09 -10.25 -2.74
N GLN B 39 30.23 -11.15 -1.77
CA GLN B 39 31.55 -11.55 -1.29
C GLN B 39 31.54 -13.05 -1.04
N ALA B 40 32.40 -13.78 -1.74
CA ALA B 40 32.59 -15.18 -1.41
C ALA B 40 33.21 -15.29 -0.03
N PRO B 41 32.88 -16.33 0.74
CA PRO B 41 33.41 -16.41 2.12
C PRO B 41 34.92 -16.33 2.13
N GLY B 42 35.45 -15.53 3.05
CA GLY B 42 36.89 -15.32 3.13
C GLY B 42 37.48 -14.74 1.86
N GLN B 43 36.82 -13.73 1.28
CA GLN B 43 37.29 -13.11 0.06
C GLN B 43 36.84 -11.66 0.02
N GLY B 44 37.52 -10.88 -0.80
CA GLY B 44 37.17 -9.48 -0.95
C GLY B 44 35.86 -9.30 -1.68
N LEU B 45 35.17 -8.21 -1.36
CA LEU B 45 33.85 -7.97 -1.93
C LEU B 45 33.93 -7.92 -3.45
N GLU B 46 32.75 -7.96 -4.08
CA GLU B 46 32.64 -7.91 -5.52
C GLU B 46 31.27 -7.33 -5.87
N TRP B 47 31.24 -6.49 -6.90
CA TRP B 47 30.03 -5.76 -7.26
C TRP B 47 29.27 -6.53 -8.33
N VAL B 48 28.03 -6.87 -8.03
CA VAL B 48 27.24 -7.72 -8.93
C VAL B 48 26.60 -6.90 -10.03
N GLY B 49 25.73 -5.97 -9.65
CA GLY B 49 25.02 -5.15 -10.61
C GLY B 49 23.97 -4.33 -9.87
N GLY B 50 23.37 -3.41 -10.59
CA GLY B 50 22.38 -2.56 -9.96
C GLY B 50 21.73 -1.62 -10.94
N MET B 51 20.83 -0.80 -10.40
CA MET B 51 20.06 0.17 -11.19
C MET B 51 20.80 1.50 -11.19
N SER B 52 21.18 1.97 -12.36
CA SER B 52 21.85 3.26 -12.46
C SER B 52 20.87 4.36 -12.07
N PRO B 53 21.25 5.30 -11.19
CA PRO B 53 20.34 6.40 -10.85
C PRO B 53 20.37 7.54 -11.84
N ILE B 54 21.08 7.39 -12.97
CA ILE B 54 21.10 8.42 -14.00
C ILE B 54 20.08 8.13 -15.08
N SER B 55 19.94 6.86 -15.48
CA SER B 55 19.00 6.48 -16.52
C SER B 55 18.10 5.31 -16.13
N ASN B 56 18.35 4.65 -15.00
CA ASN B 56 17.57 3.52 -14.51
C ASN B 56 17.75 2.27 -15.34
N THR B 57 18.59 2.30 -16.37
CA THR B 57 18.86 1.11 -17.17
C THR B 57 19.84 0.24 -16.40
N PRO B 58 19.45 -0.95 -15.95
CA PRO B 58 20.34 -1.74 -15.09
C PRO B 58 21.65 -2.07 -15.79
N LYS B 59 22.74 -2.01 -15.03
CA LYS B 59 24.07 -2.33 -15.52
C LYS B 59 24.68 -3.41 -14.63
N TYR B 60 25.30 -4.40 -15.26
CA TYR B 60 25.90 -5.53 -14.56
C TYR B 60 27.40 -5.52 -14.76
N ALA B 61 28.10 -6.29 -13.94
CA ALA B 61 29.52 -6.48 -14.16
C ALA B 61 29.75 -7.27 -15.45
N GLN B 62 30.94 -7.13 -16.01
CA GLN B 62 31.23 -7.76 -17.29
C GLN B 62 31.17 -9.28 -17.22
N LYS B 63 31.21 -9.86 -16.02
CA LYS B 63 31.16 -11.31 -15.84
C LYS B 63 29.80 -11.81 -15.40
N PHE B 64 28.77 -10.96 -15.41
CA PHE B 64 27.40 -11.39 -15.12
C PHE B 64 26.43 -11.03 -16.25
N GLN B 65 26.95 -10.59 -17.39
CA GLN B 65 26.07 -10.25 -18.51
C GLN B 65 25.20 -11.45 -18.85
N GLY B 66 23.90 -11.22 -18.96
CA GLY B 66 22.97 -12.29 -19.28
C GLY B 66 22.64 -13.17 -18.08
N ARG B 67 23.67 -13.62 -17.37
CA ARG B 67 23.47 -14.52 -16.25
C ARG B 67 22.56 -13.93 -15.18
N VAL B 68 22.49 -12.60 -15.08
CA VAL B 68 21.74 -11.93 -14.02
C VAL B 68 20.89 -10.82 -14.64
N THR B 69 19.65 -10.71 -14.17
CA THR B 69 18.75 -9.64 -14.58
C THR B 69 18.32 -8.85 -13.36
N ILE B 70 18.06 -7.56 -13.56
CA ILE B 70 17.67 -6.65 -12.49
C ILE B 70 16.38 -5.96 -12.89
N THR B 71 15.35 -6.10 -12.06
CA THR B 71 14.07 -5.46 -12.28
C THR B 71 13.57 -4.86 -10.97
N ALA B 72 12.75 -3.82 -11.10
CA ALA B 72 12.23 -3.13 -9.93
C ALA B 72 10.85 -2.58 -10.25
N ASP B 73 10.07 -2.35 -9.20
CA ASP B 73 8.71 -1.81 -9.31
C ASP B 73 8.62 -0.52 -8.50
N GLU B 74 7.82 0.42 -8.99
CA GLU B 74 7.67 1.70 -8.32
C GLU B 74 6.60 1.68 -7.23
N SER B 75 5.76 0.65 -7.18
CA SER B 75 4.65 0.64 -6.23
C SER B 75 5.15 0.49 -4.80
N THR B 76 6.02 -0.48 -4.55
CA THR B 76 6.49 -0.79 -3.22
C THR B 76 7.93 -0.35 -2.98
N SER B 77 8.54 0.35 -3.94
CA SER B 77 9.94 0.76 -3.83
C SER B 77 10.83 -0.46 -3.59
N THR B 78 10.54 -1.53 -4.31
CA THR B 78 11.27 -2.80 -4.19
C THR B 78 12.09 -3.05 -5.44
N THR B 79 13.22 -3.72 -5.26
CA THR B 79 14.12 -4.07 -6.36
C THR B 79 14.33 -5.58 -6.35
N TYR B 80 14.40 -6.17 -7.54
CA TYR B 80 14.52 -7.60 -7.72
C TYR B 80 15.79 -7.96 -8.47
N MET B 81 16.46 -9.02 -8.02
CA MET B 81 17.61 -9.58 -8.71
C MET B 81 17.45 -11.09 -8.74
N GLU B 82 17.42 -11.67 -9.93
CA GLU B 82 17.33 -13.12 -10.10
C GLU B 82 18.57 -13.62 -10.81
N LEU B 83 19.01 -14.83 -10.45
CA LEU B 83 20.21 -15.42 -11.00
C LEU B 83 19.86 -16.44 -12.08
N SER B 84 20.88 -17.17 -12.56
CA SER B 84 20.68 -18.22 -13.53
C SER B 84 21.96 -19.06 -13.60
N SER B 85 21.80 -20.38 -13.55
CA SER B 85 22.92 -21.32 -13.61
C SER B 85 23.89 -21.08 -12.45
N LEU B 86 23.38 -21.31 -11.24
CA LEU B 86 24.17 -21.17 -10.03
C LEU B 86 25.27 -22.23 -10.00
N ARG B 87 26.51 -21.79 -10.02
CA ARG B 87 27.61 -22.71 -9.75
C ARG B 87 27.83 -22.81 -8.24
N PRO B 88 28.49 -23.88 -7.76
CA PRO B 88 28.60 -24.07 -6.32
C PRO B 88 29.35 -22.96 -5.59
N GLU B 89 30.17 -22.19 -6.29
CA GLU B 89 30.99 -21.17 -5.64
C GLU B 89 30.27 -19.84 -5.43
N ASP B 90 29.01 -19.72 -5.86
CA ASP B 90 28.25 -18.50 -5.63
C ASP B 90 27.74 -18.38 -4.20
N THR B 91 27.93 -19.41 -3.37
CA THR B 91 27.57 -19.30 -1.97
C THR B 91 28.21 -18.06 -1.37
N ALA B 92 27.40 -17.16 -0.83
CA ALA B 92 27.91 -15.88 -0.34
C ALA B 92 26.77 -15.15 0.35
N VAL B 93 27.09 -13.97 0.89
CA VAL B 93 26.11 -13.08 1.51
C VAL B 93 25.91 -11.90 0.58
N TYR B 94 24.66 -11.55 0.31
CA TYR B 94 24.32 -10.53 -0.67
C TYR B 94 23.81 -9.29 0.03
N TYR B 95 24.38 -8.14 -0.32
CA TYR B 95 24.05 -6.85 0.27
C TYR B 95 23.41 -5.96 -0.79
N CYS B 96 22.45 -5.15 -0.38
CA CYS B 96 21.85 -4.15 -1.26
C CYS B 96 21.93 -2.79 -0.58
N ALA B 97 22.53 -1.81 -1.25
CA ALA B 97 22.68 -0.47 -0.71
C ALA B 97 22.38 0.55 -1.79
N ARG B 98 21.96 1.74 -1.36
CA ARG B 98 21.52 2.76 -2.29
C ARG B 98 22.69 3.29 -3.11
N ASP B 99 22.41 3.61 -4.36
CA ASP B 99 23.37 4.24 -5.27
C ASP B 99 23.00 5.72 -5.34
N LEU B 100 23.57 6.50 -4.42
CA LEU B 100 23.17 7.89 -4.20
C LEU B 100 24.22 8.82 -4.77
N LEU B 101 23.78 9.79 -5.57
CA LEU B 101 24.70 10.78 -6.10
C LEU B 101 25.06 11.78 -5.02
N LYS B 102 26.34 11.81 -4.61
CA LYS B 102 26.78 12.68 -3.54
C LYS B 102 27.67 13.81 -4.05
N TYR B 103 28.75 13.50 -4.74
CA TYR B 103 29.60 14.50 -5.36
C TYR B 103 29.03 14.81 -6.75
N CYS B 104 29.19 16.05 -7.20
CA CYS B 104 28.63 16.44 -8.48
C CYS B 104 29.39 17.64 -9.00
N GLY B 105 29.90 17.55 -10.22
CA GLY B 105 30.59 18.66 -10.82
C GLY B 105 31.61 18.21 -11.84
N GLY B 106 32.01 19.16 -12.69
CA GLY B 106 32.97 18.89 -13.72
C GLY B 106 32.35 18.35 -14.99
N GLY B 107 31.14 18.82 -15.32
CA GLY B 107 30.44 18.31 -16.49
C GLY B 107 29.88 16.91 -16.31
N ASN B 108 30.05 16.33 -15.14
CA ASN B 108 29.49 15.01 -14.83
C ASN B 108 29.39 14.91 -13.31
N CYS B 109 28.63 13.93 -12.84
CA CYS B 109 28.39 13.81 -11.42
C CYS B 109 28.35 12.33 -11.05
N HIS B 110 29.16 11.96 -10.06
CA HIS B 110 29.47 10.58 -9.77
C HIS B 110 28.67 10.08 -8.57
N SER B 111 28.20 8.84 -8.66
CA SER B 111 27.42 8.20 -7.62
C SER B 111 28.31 7.37 -6.72
N LEU B 112 27.77 6.96 -5.57
CA LEU B 112 28.51 6.16 -4.62
C LEU B 112 27.56 5.25 -3.85
N LEU B 113 28.09 4.14 -3.36
CA LEU B 113 27.35 3.32 -2.42
C LEU B 113 27.38 3.98 -1.04
N VAL B 114 26.20 4.26 -0.49
CA VAL B 114 26.07 5.13 0.67
C VAL B 114 25.42 4.35 1.81
N ASP B 115 25.87 4.63 3.03
CA ASP B 115 25.27 4.02 4.20
C ASP B 115 23.78 4.38 4.27
N PRO B 116 22.91 3.47 4.74
CA PRO B 116 23.13 2.14 5.29
C PRO B 116 22.98 1.02 4.27
N TRP B 117 23.33 -0.19 4.67
CA TRP B 117 23.25 -1.37 3.83
C TRP B 117 22.22 -2.33 4.41
N GLY B 118 21.74 -3.24 3.57
CA GLY B 118 20.82 -4.26 4.03
C GLY B 118 21.47 -5.21 5.02
N GLN B 119 20.62 -5.95 5.72
CA GLN B 119 21.13 -6.85 6.76
C GLN B 119 21.98 -7.97 6.16
N GLY B 120 21.62 -8.43 4.98
CA GLY B 120 22.37 -9.49 4.31
C GLY B 120 21.56 -10.77 4.23
N THR B 121 21.55 -11.37 3.04
CA THR B 121 20.87 -12.64 2.80
C THR B 121 21.87 -13.65 2.27
N LEU B 122 21.81 -14.86 2.81
CA LEU B 122 22.77 -15.91 2.53
C LEU B 122 22.15 -16.94 1.60
N VAL B 123 22.85 -17.27 0.51
CA VAL B 123 22.43 -18.28 -0.44
C VAL B 123 23.46 -19.41 -0.39
N THR B 124 22.99 -20.63 -0.19
CA THR B 124 23.85 -21.81 -0.08
C THR B 124 23.57 -22.71 -1.27
N VAL B 125 24.36 -22.54 -2.33
CA VAL B 125 24.18 -23.29 -3.57
C VAL B 125 24.92 -24.62 -3.41
N SER B 126 24.20 -25.64 -2.96
CA SER B 126 24.74 -26.98 -2.83
C SER B 126 23.66 -27.99 -3.20
N SER B 127 24.10 -29.18 -3.60
CA SER B 127 23.19 -30.24 -4.01
C SER B 127 22.78 -31.16 -2.86
N ALA B 128 23.41 -31.04 -1.69
CA ALA B 128 23.07 -31.91 -0.58
C ALA B 128 21.76 -31.48 0.07
N SER B 129 21.23 -32.35 0.91
CA SER B 129 19.99 -32.12 1.64
C SER B 129 20.27 -32.10 3.14
N THR B 130 19.23 -31.80 3.92
CA THR B 130 19.35 -31.73 5.37
C THR B 130 19.89 -33.03 5.93
N LYS B 131 21.07 -32.98 6.53
CA LYS B 131 21.69 -34.13 7.17
C LYS B 131 22.24 -33.74 8.52
N GLY B 132 22.14 -34.65 9.48
CA GLY B 132 22.65 -34.41 10.81
C GLY B 132 24.13 -34.67 10.89
N PRO B 133 24.73 -34.28 12.02
CA PRO B 133 26.18 -34.43 12.19
C PRO B 133 26.59 -35.84 12.62
N SER B 134 27.89 -36.08 12.68
CA SER B 134 28.47 -37.35 13.15
C SER B 134 29.49 -37.00 14.22
N VAL B 135 29.05 -36.95 15.46
CA VAL B 135 29.89 -36.49 16.56
C VAL B 135 30.83 -37.60 17.00
N PHE B 136 32.12 -37.28 17.11
CA PHE B 136 33.13 -38.20 17.62
C PHE B 136 33.92 -37.53 18.72
N PRO B 137 34.44 -38.29 19.68
CA PRO B 137 35.18 -37.69 20.81
C PRO B 137 36.64 -37.48 20.45
N LEU B 138 37.12 -36.24 20.59
CA LEU B 138 38.54 -35.93 20.44
C LEU B 138 39.21 -36.18 21.78
N ALA B 139 39.40 -37.45 22.08
CA ALA B 139 39.94 -37.85 23.39
C ALA B 139 41.37 -37.35 23.54
N PRO B 140 41.69 -36.60 24.60
CA PRO B 140 43.08 -36.16 24.79
C PRO B 140 43.98 -37.32 25.14
N SER B 141 45.26 -37.17 24.80
CA SER B 141 46.26 -38.19 25.11
C SER B 141 46.42 -38.36 26.62
N SER B 146 49.33 -33.81 27.81
CA SER B 146 50.41 -33.90 28.77
C SER B 146 50.74 -32.53 29.36
N GLY B 147 51.61 -32.51 30.35
CA GLY B 147 52.00 -31.26 30.99
C GLY B 147 50.94 -30.74 31.94
N GLY B 148 51.05 -29.47 32.27
CA GLY B 148 50.12 -28.82 33.18
C GLY B 148 48.77 -28.49 32.58
N THR B 149 48.64 -28.53 31.26
CA THR B 149 47.39 -28.27 30.58
C THR B 149 47.13 -29.35 29.54
N ALA B 150 45.86 -29.67 29.34
CA ALA B 150 45.43 -30.70 28.41
C ALA B 150 44.49 -30.09 27.38
N ALA B 151 44.66 -30.48 26.12
CA ALA B 151 43.83 -30.01 25.03
C ALA B 151 42.93 -31.14 24.54
N LEU B 152 41.63 -30.86 24.46
CA LEU B 152 40.65 -31.83 23.98
C LEU B 152 39.60 -31.09 23.18
N GLY B 153 38.65 -31.84 22.64
CA GLY B 153 37.62 -31.24 21.83
C GLY B 153 36.50 -32.22 21.52
N CYS B 154 35.56 -31.75 20.72
CA CYS B 154 34.44 -32.54 20.24
C CYS B 154 34.33 -32.35 18.74
N LEU B 155 34.71 -33.38 17.98
CA LEU B 155 34.77 -33.30 16.53
C LEU B 155 33.36 -33.49 15.96
N VAL B 156 32.90 -32.50 15.21
CA VAL B 156 31.61 -32.54 14.53
C VAL B 156 31.88 -32.50 13.03
N LYS B 157 31.40 -33.51 12.33
CA LYS B 157 31.63 -33.63 10.89
C LYS B 157 30.33 -34.05 10.19
N ASP B 158 30.28 -33.79 8.89
CA ASP B 158 29.19 -34.23 8.03
C ASP B 158 27.85 -33.66 8.51
N TYR B 159 27.74 -32.34 8.44
CA TYR B 159 26.50 -31.64 8.78
C TYR B 159 26.22 -30.56 7.75
N PHE B 160 24.94 -30.28 7.54
CA PHE B 160 24.50 -29.25 6.61
C PHE B 160 22.99 -29.04 6.75
N PRO B 161 22.48 -27.81 6.57
CA PRO B 161 23.20 -26.55 6.38
C PRO B 161 23.60 -25.88 7.70
N GLU B 162 24.25 -24.72 7.59
CA GLU B 162 24.69 -23.97 8.75
C GLU B 162 23.51 -23.31 9.44
N PRO B 163 23.68 -22.89 10.71
CA PRO B 163 24.84 -23.05 11.58
C PRO B 163 24.74 -24.23 12.54
N VAL B 164 25.80 -24.46 13.31
CA VAL B 164 25.81 -25.42 14.40
C VAL B 164 26.36 -24.72 15.63
N THR B 165 25.65 -24.86 16.75
CA THR B 165 26.06 -24.26 18.01
C THR B 165 26.52 -25.35 18.96
N VAL B 166 27.74 -25.21 19.48
CA VAL B 166 28.33 -26.18 20.39
C VAL B 166 28.65 -25.48 21.69
N SER B 167 28.16 -26.03 22.80
CA SER B 167 28.41 -25.49 24.13
C SER B 167 28.99 -26.59 25.00
N TRP B 168 30.01 -26.24 25.78
CA TRP B 168 30.69 -27.20 26.65
C TRP B 168 30.08 -27.15 28.04
N ASN B 169 29.70 -28.32 28.55
CA ASN B 169 29.08 -28.43 29.88
C ASN B 169 27.85 -27.53 29.97
N SER B 170 27.08 -27.48 28.87
CA SER B 170 25.89 -26.64 28.80
C SER B 170 26.23 -25.18 29.09
N GLY B 171 27.37 -24.73 28.57
CA GLY B 171 27.81 -23.37 28.77
C GLY B 171 28.58 -23.11 30.05
N ALA B 172 28.70 -24.11 30.94
CA ALA B 172 29.45 -23.92 32.16
C ALA B 172 30.93 -23.71 31.88
N LEU B 173 31.48 -24.46 30.92
CA LEU B 173 32.90 -24.38 30.57
C LEU B 173 33.02 -23.53 29.31
N THR B 174 33.46 -22.28 29.47
CA THR B 174 33.65 -21.36 28.36
C THR B 174 35.03 -20.74 28.31
N SER B 175 35.92 -21.07 29.24
CA SER B 175 37.26 -20.51 29.24
C SER B 175 38.19 -21.35 28.37
N GLY B 176 38.84 -20.69 27.40
CA GLY B 176 39.76 -21.35 26.52
C GLY B 176 39.13 -22.11 25.37
N VAL B 177 37.80 -22.07 25.25
CA VAL B 177 37.13 -22.78 24.16
C VAL B 177 37.43 -22.08 22.84
N HIS B 178 37.87 -22.85 21.86
CA HIS B 178 38.21 -22.33 20.53
C HIS B 178 37.30 -23.00 19.51
N THR B 179 36.39 -22.22 18.94
CA THR B 179 35.47 -22.70 17.92
C THR B 179 35.98 -22.26 16.55
N PHE B 180 36.15 -23.21 15.65
CA PHE B 180 36.76 -22.89 14.36
C PHE B 180 35.68 -22.68 13.31
N PRO B 181 35.90 -21.78 12.35
CA PRO B 181 34.91 -21.59 11.28
C PRO B 181 34.68 -22.87 10.49
N ALA B 182 33.44 -23.08 10.10
CA ALA B 182 33.11 -24.23 9.27
C ALA B 182 33.69 -24.07 7.87
N VAL B 183 33.93 -25.20 7.21
CA VAL B 183 34.54 -25.24 5.88
C VAL B 183 33.67 -26.07 4.96
N LEU B 184 33.67 -25.71 3.68
CA LEU B 184 32.92 -26.46 2.67
C LEU B 184 33.76 -27.61 2.16
N GLN B 185 33.29 -28.83 2.38
CA GLN B 185 34.02 -30.01 1.93
C GLN B 185 33.82 -30.23 0.43
N SER B 186 34.62 -31.16 -0.12
CA SER B 186 34.49 -31.49 -1.53
C SER B 186 33.18 -32.20 -1.84
N SER B 187 32.53 -32.80 -0.84
CA SER B 187 31.30 -33.54 -1.05
C SER B 187 30.05 -32.67 -0.97
N GLY B 188 30.20 -31.36 -0.88
CA GLY B 188 29.05 -30.49 -0.65
C GLY B 188 28.57 -30.46 0.77
N LEU B 189 29.35 -30.97 1.71
CA LEU B 189 29.01 -31.04 3.12
C LEU B 189 30.04 -30.25 3.91
N TYR B 190 29.76 -30.04 5.20
CA TYR B 190 30.57 -29.13 6.02
C TYR B 190 31.11 -29.87 7.24
N SER B 191 32.26 -29.39 7.72
CA SER B 191 32.94 -29.96 8.86
C SER B 191 33.09 -28.92 9.96
N LEU B 192 33.65 -29.34 11.09
CA LEU B 192 33.90 -28.46 12.21
C LEU B 192 34.95 -29.07 13.12
N SER B 193 35.62 -28.21 13.89
CA SER B 193 36.54 -28.64 14.93
C SER B 193 36.52 -27.62 16.06
N SER B 194 36.47 -28.11 17.29
CA SER B 194 36.45 -27.24 18.47
C SER B 194 37.38 -27.83 19.51
N VAL B 195 38.19 -26.97 20.13
CA VAL B 195 39.18 -27.39 21.11
C VAL B 195 39.19 -26.39 22.27
N VAL B 196 39.33 -26.91 23.48
CA VAL B 196 39.38 -26.11 24.70
C VAL B 196 40.60 -26.52 25.50
N THR B 197 41.23 -25.55 26.14
CA THR B 197 42.41 -25.79 26.97
C THR B 197 41.99 -25.90 28.43
N VAL B 198 42.30 -27.02 29.06
CA VAL B 198 41.92 -27.28 30.44
C VAL B 198 43.07 -27.96 31.16
N PRO B 199 43.14 -27.81 32.49
CA PRO B 199 44.20 -28.49 33.24
C PRO B 199 44.06 -30.01 33.16
N SER B 200 45.19 -30.69 33.22
CA SER B 200 45.21 -32.15 33.14
C SER B 200 44.68 -32.82 34.40
N SER B 201 44.78 -32.15 35.55
CA SER B 201 44.34 -32.78 36.80
C SER B 201 42.84 -33.02 36.82
N SER B 202 42.07 -32.20 36.11
CA SER B 202 40.62 -32.33 36.08
C SER B 202 40.13 -33.18 34.90
N LEU B 203 41.03 -33.83 34.17
CA LEU B 203 40.62 -34.62 33.02
C LEU B 203 39.68 -35.75 33.43
N GLY B 204 40.01 -36.45 34.52
CA GLY B 204 39.26 -37.60 34.97
C GLY B 204 38.28 -37.35 36.09
N THR B 205 37.96 -36.10 36.41
CA THR B 205 37.08 -35.78 37.52
C THR B 205 35.88 -34.91 37.15
N GLN B 206 36.02 -34.01 36.17
CA GLN B 206 34.93 -33.13 35.77
C GLN B 206 34.29 -33.66 34.50
N THR B 207 32.98 -33.49 34.38
CA THR B 207 32.23 -33.97 33.23
C THR B 207 32.57 -33.13 32.01
N TYR B 208 32.97 -33.78 30.93
CA TYR B 208 33.30 -33.11 29.68
C TYR B 208 32.28 -33.55 28.64
N ILE B 209 31.47 -32.61 28.16
CA ILE B 209 30.38 -32.92 27.24
C ILE B 209 30.23 -31.76 26.27
N CYS B 210 29.96 -32.08 25.01
CA CYS B 210 29.76 -31.10 23.96
C CYS B 210 28.30 -31.10 23.52
N ASN B 211 27.67 -29.93 23.59
CA ASN B 211 26.26 -29.79 23.24
C ASN B 211 26.16 -29.51 21.74
N VAL B 212 26.30 -30.57 20.94
CA VAL B 212 26.21 -30.45 19.49
C VAL B 212 24.74 -30.21 19.12
N ASN B 213 24.50 -29.13 18.38
CA ASN B 213 23.15 -28.71 18.03
C ASN B 213 23.09 -28.37 16.54
N HIS B 214 21.97 -28.72 15.91
CA HIS B 214 21.78 -28.52 14.46
C HIS B 214 20.33 -28.11 14.24
N LYS B 215 20.10 -26.80 14.12
CA LYS B 215 18.73 -26.30 13.94
C LYS B 215 18.08 -26.82 12.66
N PRO B 216 18.74 -26.78 11.50
CA PRO B 216 18.04 -27.21 10.27
C PRO B 216 17.49 -28.62 10.35
N SER B 217 18.23 -29.55 10.97
CA SER B 217 17.75 -30.92 11.15
C SER B 217 17.09 -31.14 12.50
N ASN B 218 17.12 -30.14 13.39
CA ASN B 218 16.51 -30.27 14.71
C ASN B 218 17.05 -31.49 15.45
N THR B 219 18.36 -31.72 15.32
CA THR B 219 19.02 -32.85 15.95
C THR B 219 19.90 -32.35 17.08
N LYS B 220 19.71 -32.92 18.27
CA LYS B 220 20.50 -32.58 19.44
C LYS B 220 21.38 -33.78 19.80
N VAL B 221 22.70 -33.57 19.80
CA VAL B 221 23.66 -34.62 20.13
C VAL B 221 24.55 -34.10 21.25
N ASP B 222 24.70 -34.90 22.31
CA ASP B 222 25.49 -34.54 23.47
C ASP B 222 26.49 -35.67 23.71
N LYS B 223 27.65 -35.59 23.06
CA LYS B 223 28.65 -36.65 23.11
C LYS B 223 29.53 -36.49 24.34
N ARG B 224 29.98 -37.64 24.86
CA ARG B 224 30.84 -37.70 26.03
C ARG B 224 32.27 -38.00 25.58
N VAL B 225 33.23 -37.26 26.13
CA VAL B 225 34.64 -37.40 25.77
C VAL B 225 35.41 -37.81 27.01
N GLU B 226 36.23 -38.85 26.87
CA GLU B 226 37.10 -39.35 27.92
C GLU B 226 38.55 -39.21 27.48
N PRO B 227 39.48 -39.15 28.43
CA PRO B 227 40.90 -39.16 28.06
C PRO B 227 41.26 -40.44 27.31
N LYS B 228 42.14 -40.30 26.32
CA LYS B 228 42.55 -41.42 25.50
C LYS B 228 43.66 -42.22 26.22
N SER B 229 43.96 -43.38 25.66
CA SER B 229 45.00 -44.25 26.21
C SER B 229 46.35 -43.54 26.22
N ASP C 1 41.24 -3.02 -18.69
CA ASP C 1 40.37 -2.86 -17.50
C ASP C 1 41.12 -2.20 -16.35
N ILE C 2 40.47 -2.11 -15.20
CA ILE C 2 41.05 -1.49 -14.01
C ILE C 2 41.16 -2.54 -12.93
N VAL C 3 42.38 -2.74 -12.43
CA VAL C 3 42.65 -3.67 -11.33
C VAL C 3 43.30 -2.90 -10.20
N MET C 4 42.71 -3.00 -9.02
CA MET C 4 43.20 -2.29 -7.84
C MET C 4 43.86 -3.30 -6.91
N THR C 5 45.07 -3.00 -6.47
CA THR C 5 45.83 -3.87 -5.60
C THR C 5 46.30 -3.09 -4.37
N GLN C 6 46.44 -3.80 -3.26
CA GLN C 6 46.90 -3.22 -2.01
C GLN C 6 48.18 -3.90 -1.58
N SER C 7 49.05 -3.14 -0.89
CA SER C 7 50.30 -3.64 -0.38
C SER C 7 50.57 -2.95 0.94
N PRO C 8 50.93 -3.69 2.00
CA PRO C 8 51.06 -5.15 2.07
C PRO C 8 49.72 -5.85 2.26
N SER C 9 49.72 -7.17 2.12
CA SER C 9 48.48 -7.93 2.31
C SER C 9 47.94 -7.79 3.73
N THR C 10 48.84 -7.68 4.72
CA THR C 10 48.43 -7.48 6.10
C THR C 10 49.37 -6.46 6.73
N LEU C 11 48.87 -5.79 7.76
CA LEU C 11 49.62 -4.77 8.48
C LEU C 11 49.48 -5.00 9.98
N SER C 12 50.47 -4.52 10.73
CA SER C 12 50.48 -4.68 12.17
C SER C 12 51.00 -3.39 12.81
N ALA C 13 50.50 -3.12 14.01
CA ALA C 13 50.88 -1.94 14.79
C ALA C 13 50.29 -2.09 16.18
N SER C 14 50.46 -1.07 17.01
CA SER C 14 49.92 -1.03 18.36
C SER C 14 49.10 0.23 18.54
N VAL C 15 48.37 0.30 19.66
CA VAL C 15 47.51 1.44 19.93
C VAL C 15 48.34 2.72 19.94
N GLY C 16 47.86 3.75 19.25
CA GLY C 16 48.55 5.02 19.19
C GLY C 16 49.62 5.12 18.12
N ASP C 17 49.84 4.07 17.34
CA ASP C 17 50.86 4.08 16.30
C ASP C 17 50.34 4.82 15.06
N ARG C 18 51.25 5.04 14.12
CA ARG C 18 50.93 5.64 12.83
C ARG C 18 51.13 4.58 11.76
N VAL C 19 50.08 4.30 10.98
CA VAL C 19 50.10 3.25 9.97
C VAL C 19 49.73 3.85 8.63
N THR C 20 50.20 3.20 7.57
CA THR C 20 49.93 3.63 6.21
C THR C 20 49.55 2.44 5.35
N ILE C 21 48.60 2.65 4.46
CA ILE C 21 48.11 1.63 3.54
C ILE C 21 48.20 2.19 2.13
N SER C 22 48.58 1.34 1.17
CA SER C 22 48.80 1.75 -0.20
C SER C 22 47.82 1.03 -1.12
N CYS C 23 47.12 1.81 -1.95
CA CYS C 23 46.24 1.28 -2.99
C CYS C 23 46.64 1.92 -4.31
N ARG C 24 46.97 1.10 -5.30
CA ARG C 24 47.45 1.59 -6.58
C ARG C 24 46.70 0.90 -7.71
N ALA C 25 46.42 1.66 -8.76
CA ALA C 25 45.65 1.18 -9.90
C ALA C 25 46.56 0.89 -11.09
N SER C 26 45.99 0.19 -12.07
CA SER C 26 46.74 -0.14 -13.29
C SER C 26 46.84 1.06 -14.23
N GLN C 27 45.78 1.85 -14.33
CA GLN C 27 45.76 3.04 -15.17
C GLN C 27 45.41 4.25 -14.32
N SER C 28 45.97 5.39 -14.69
CA SER C 28 45.81 6.59 -13.88
C SER C 28 44.34 6.98 -13.78
N ILE C 29 43.90 7.22 -12.55
CA ILE C 29 42.56 7.72 -12.26
C ILE C 29 42.73 9.06 -11.55
N SER C 30 42.05 10.09 -12.05
CA SER C 30 42.29 11.44 -11.54
C SER C 30 42.07 11.51 -10.04
N SER C 31 40.82 11.44 -9.61
CA SER C 31 40.52 11.44 -8.18
C SER C 31 39.41 10.48 -7.80
N TRP C 32 38.88 9.70 -8.74
CA TRP C 32 37.73 8.84 -8.47
C TRP C 32 38.19 7.67 -7.62
N LEU C 33 37.89 7.72 -6.33
CA LEU C 33 38.30 6.67 -5.41
C LEU C 33 37.49 6.80 -4.13
N ALA C 34 37.48 5.73 -3.34
CA ALA C 34 36.78 5.76 -2.07
C ALA C 34 37.17 4.51 -1.29
N TRP C 35 37.29 4.67 0.02
CA TRP C 35 37.76 3.60 0.90
C TRP C 35 36.65 3.19 1.83
N TYR C 36 36.28 1.92 1.78
CA TYR C 36 35.24 1.36 2.63
C TYR C 36 35.87 0.57 3.76
N GLN C 37 35.38 0.78 4.98
CA GLN C 37 35.83 0.00 6.13
C GLN C 37 34.83 -1.12 6.35
N GLN C 38 35.29 -2.36 6.28
CA GLN C 38 34.44 -3.54 6.40
C GLN C 38 34.83 -4.28 7.67
N LYS C 39 34.00 -4.17 8.69
CA LYS C 39 34.22 -4.97 9.89
C LYS C 39 33.97 -6.45 9.56
N PRO C 40 34.68 -7.37 10.21
CA PRO C 40 34.46 -8.79 9.89
C PRO C 40 33.10 -9.25 10.37
N GLY C 41 32.28 -9.71 9.42
CA GLY C 41 30.95 -10.21 9.71
C GLY C 41 29.86 -9.16 9.72
N ARG C 42 30.16 -7.90 9.41
CA ARG C 42 29.19 -6.82 9.43
C ARG C 42 29.17 -6.12 8.07
N ALA C 43 28.29 -5.13 7.95
CA ALA C 43 28.14 -4.39 6.71
C ALA C 43 29.26 -3.34 6.60
N PRO C 44 29.79 -3.11 5.40
CA PRO C 44 30.83 -2.10 5.23
C PRO C 44 30.28 -0.69 5.29
N LYS C 45 31.19 0.26 5.53
CA LYS C 45 30.87 1.67 5.63
C LYS C 45 31.80 2.47 4.73
N LEU C 46 31.38 3.69 4.40
CA LEU C 46 32.19 4.60 3.61
C LEU C 46 33.03 5.47 4.54
N LEU C 47 34.27 5.75 4.12
CA LEU C 47 35.17 6.61 4.89
C LEU C 47 35.51 7.89 4.15
N ILE C 48 36.03 7.82 2.92
CA ILE C 48 36.44 9.00 2.18
C ILE C 48 36.10 8.81 0.70
N TYR C 49 35.94 9.93 0.00
CA TYR C 49 35.76 9.92 -1.44
C TYR C 49 36.55 11.08 -2.03
N LYS C 50 36.77 11.02 -3.34
CA LYS C 50 37.66 11.92 -4.06
C LYS C 50 39.11 11.78 -3.63
N ALA C 51 39.42 10.77 -2.82
CA ALA C 51 40.78 10.47 -2.39
C ALA C 51 41.28 11.40 -1.30
N SER C 52 40.54 12.48 -1.01
CA SER C 52 40.97 13.41 0.04
C SER C 52 39.87 13.86 0.99
N SER C 53 38.60 13.80 0.62
CA SER C 53 37.54 14.40 1.42
C SER C 53 37.03 13.42 2.46
N LEU C 54 36.78 13.94 3.67
CA LEU C 54 36.20 13.12 4.72
C LEU C 54 34.70 12.96 4.51
N GLU C 55 34.15 11.94 5.18
CA GLU C 55 32.71 11.67 5.16
C GLU C 55 32.09 12.13 6.48
N THR C 56 30.86 12.61 6.40
CA THR C 56 30.17 13.10 7.59
C THR C 56 30.10 12.03 8.66
N GLY C 57 30.44 12.40 9.88
CA GLY C 57 30.44 11.48 11.00
C GLY C 57 31.71 10.68 11.18
N VAL C 58 32.69 10.84 10.30
CA VAL C 58 33.96 10.14 10.41
C VAL C 58 34.90 10.97 11.27
N PRO C 59 35.52 10.39 12.30
CA PRO C 59 36.48 11.17 13.09
C PRO C 59 37.60 11.70 12.20
N SER C 60 38.05 12.92 12.51
CA SER C 60 39.02 13.60 11.66
C SER C 60 40.37 12.89 11.63
N ARG C 61 40.60 11.94 12.54
CA ARG C 61 41.86 11.21 12.55
C ARG C 61 42.17 10.59 11.20
N PHE C 62 41.19 9.93 10.58
CA PHE C 62 41.41 9.34 9.26
C PHE C 62 41.75 10.44 8.27
N SER C 63 42.77 10.22 7.44
CA SER C 63 43.25 11.24 6.52
C SER C 63 43.83 10.55 5.30
N GLY C 64 43.03 10.47 4.23
CA GLY C 64 43.52 9.97 2.97
C GLY C 64 44.30 11.01 2.20
N SER C 65 44.89 10.58 1.08
CA SER C 65 45.66 11.48 0.24
C SER C 65 46.05 10.75 -1.03
N GLY C 66 46.79 11.46 -1.88
CA GLY C 66 47.31 10.90 -3.11
C GLY C 66 46.52 11.36 -4.32
N SER C 67 47.00 10.91 -5.49
CA SER C 67 46.35 11.22 -6.76
C SER C 67 47.10 10.47 -7.85
N GLY C 68 46.46 10.36 -9.01
CA GLY C 68 47.06 9.68 -10.13
C GLY C 68 46.87 8.17 -10.06
N THR C 69 47.93 7.45 -9.69
CA THR C 69 47.88 6.01 -9.53
C THR C 69 47.96 5.56 -8.08
N GLU C 70 48.90 6.13 -7.31
CA GLU C 70 49.12 5.75 -5.93
C GLU C 70 48.27 6.59 -4.99
N PHE C 71 47.73 5.94 -3.96
CA PHE C 71 46.92 6.62 -2.95
C PHE C 71 47.28 6.01 -1.59
N THR C 72 46.66 6.52 -0.54
CA THR C 72 46.95 5.99 0.79
C THR C 72 45.91 6.48 1.78
N LEU C 73 45.63 5.64 2.78
CA LEU C 73 44.73 5.96 3.88
C LEU C 73 45.54 5.90 5.17
N THR C 74 46.20 7.00 5.52
CA THR C 74 47.09 7.05 6.67
C THR C 74 46.31 7.51 7.90
N ILE C 75 46.51 6.79 9.01
CA ILE C 75 45.87 7.11 10.28
C ILE C 75 46.95 7.62 11.23
N SER C 76 46.69 8.77 11.86
CA SER C 76 47.67 9.33 12.79
C SER C 76 47.81 8.44 14.03
N SER C 77 46.69 8.07 14.64
CA SER C 77 46.67 7.24 15.83
C SER C 77 45.62 6.15 15.68
N LEU C 78 45.97 4.93 16.04
CA LEU C 78 45.01 3.83 15.98
C LEU C 78 44.12 3.85 17.21
N GLN C 79 42.97 3.19 17.09
CA GLN C 79 41.99 3.09 18.15
C GLN C 79 41.42 1.68 18.16
N PRO C 80 40.79 1.27 19.26
CA PRO C 80 40.22 -0.09 19.31
C PRO C 80 39.17 -0.34 18.24
N ASP C 81 38.57 0.71 17.68
CA ASP C 81 37.58 0.56 16.63
C ASP C 81 38.20 0.56 15.23
N ASP C 82 39.52 0.60 15.12
CA ASP C 82 40.20 0.70 13.84
C ASP C 82 40.62 -0.65 13.28
N PHE C 83 40.45 -1.73 14.03
CA PHE C 83 40.94 -3.05 13.62
C PHE C 83 39.91 -3.68 12.70
N ALA C 84 40.15 -3.53 11.40
CA ALA C 84 39.26 -4.04 10.38
C ALA C 84 40.05 -4.10 9.07
N THR C 85 39.34 -4.28 7.96
CA THR C 85 39.95 -4.31 6.64
C THR C 85 39.36 -3.20 5.77
N TYR C 86 40.23 -2.51 5.03
CA TYR C 86 39.84 -1.35 4.24
C TYR C 86 39.95 -1.69 2.76
N TYR C 87 38.80 -1.73 2.08
CA TYR C 87 38.72 -2.13 0.68
C TYR C 87 38.77 -0.89 -0.20
N CYS C 88 39.96 -0.47 -0.61
CA CYS C 88 40.07 0.67 -1.50
C CYS C 88 39.26 0.40 -2.76
N GLN C 89 38.32 1.28 -3.07
CA GLN C 89 37.37 1.06 -4.14
C GLN C 89 37.46 2.17 -5.17
N HIS C 90 37.25 1.81 -6.43
CA HIS C 90 37.16 2.77 -7.53
C HIS C 90 35.74 2.76 -8.06
N TYR C 91 35.30 3.89 -8.58
CA TYR C 91 33.95 4.03 -9.12
C TYR C 91 34.00 4.84 -10.40
N ASN C 92 32.94 4.73 -11.19
CA ASN C 92 32.79 5.52 -12.40
C ASN C 92 31.33 5.46 -12.82
N THR C 93 31.03 5.96 -14.03
CA THR C 93 29.65 6.06 -14.47
C THR C 93 29.02 4.68 -14.64
N TYR C 94 29.78 3.70 -15.11
CA TYR C 94 29.24 2.40 -15.47
C TYR C 94 29.42 1.35 -14.38
N LEU C 95 30.66 1.08 -13.98
CA LEU C 95 30.97 -0.06 -13.13
C LEU C 95 31.59 0.40 -11.81
N PHE C 96 31.87 -0.58 -10.96
CA PHE C 96 32.58 -0.39 -9.72
C PHE C 96 33.67 -1.45 -9.62
N THR C 97 34.63 -1.22 -8.74
CA THR C 97 35.73 -2.16 -8.58
C THR C 97 36.26 -2.08 -7.16
N PHE C 98 36.66 -3.23 -6.63
CA PHE C 98 37.21 -3.33 -5.28
C PHE C 98 38.60 -3.96 -5.34
N GLY C 99 39.39 -3.68 -4.31
CA GLY C 99 40.69 -4.29 -4.18
C GLY C 99 40.63 -5.50 -3.27
N PRO C 100 41.70 -6.31 -3.26
CA PRO C 100 41.66 -7.52 -2.42
C PRO C 100 41.35 -7.23 -0.96
N GLY C 101 41.89 -6.15 -0.43
CA GLY C 101 41.61 -5.79 0.95
C GLY C 101 42.84 -5.93 1.82
N THR C 102 43.06 -4.97 2.71
CA THR C 102 44.15 -4.96 3.65
C THR C 102 43.59 -5.25 5.03
N LYS C 103 44.41 -5.80 5.92
CA LYS C 103 44.03 -6.05 7.30
C LYS C 103 45.04 -5.41 8.24
N VAL C 104 44.54 -4.84 9.34
CA VAL C 104 45.37 -4.23 10.37
C VAL C 104 44.99 -4.88 11.69
N ASP C 105 46.01 -5.31 12.45
CA ASP C 105 45.79 -6.01 13.71
C ASP C 105 46.76 -5.54 14.77
N LEU C 106 46.66 -6.11 15.97
CA LEU C 106 47.55 -5.75 17.06
C LEU C 106 48.96 -6.26 16.80
N LYS C 107 49.93 -5.65 17.47
CA LYS C 107 51.31 -6.08 17.44
C LYS C 107 51.67 -6.69 18.78
N ARG C 108 52.24 -7.89 18.76
CA ARG C 108 52.56 -8.63 19.97
C ARG C 108 53.84 -9.42 19.75
N THR C 109 54.49 -9.78 20.86
CA THR C 109 55.69 -10.59 20.79
C THR C 109 55.37 -11.96 20.19
N VAL C 110 56.30 -12.49 19.39
CA VAL C 110 56.09 -13.76 18.73
C VAL C 110 55.83 -14.84 19.78
N ALA C 111 54.89 -15.73 19.48
CA ALA C 111 54.55 -16.85 20.35
C ALA C 111 54.60 -18.14 19.55
N ALA C 112 55.20 -19.18 20.13
CA ALA C 112 55.33 -20.44 19.44
C ALA C 112 54.01 -21.22 19.49
N PRO C 113 53.68 -21.99 18.45
CA PRO C 113 52.49 -22.83 18.51
C PRO C 113 52.68 -24.02 19.42
N SER C 114 51.56 -24.57 19.87
CA SER C 114 51.52 -25.81 20.63
C SER C 114 50.89 -26.87 19.74
N VAL C 115 51.72 -27.67 19.09
CA VAL C 115 51.26 -28.63 18.10
C VAL C 115 50.73 -29.87 18.80
N PHE C 116 49.54 -30.30 18.40
CA PHE C 116 48.92 -31.52 18.88
C PHE C 116 48.32 -32.28 17.72
N ILE C 117 48.40 -33.61 17.78
CA ILE C 117 47.91 -34.48 16.71
C ILE C 117 46.92 -35.46 17.32
N PHE C 118 45.77 -35.61 16.68
CA PHE C 118 44.72 -36.51 17.14
C PHE C 118 44.48 -37.58 16.09
N PRO C 119 44.74 -38.85 16.37
CA PRO C 119 44.52 -39.88 15.35
C PRO C 119 43.05 -39.97 14.99
N PRO C 120 42.74 -40.42 13.78
CA PRO C 120 41.34 -40.47 13.37
C PRO C 120 40.51 -41.37 14.27
N SER C 121 39.27 -40.96 14.52
CA SER C 121 38.36 -41.73 15.35
C SER C 121 37.99 -43.04 14.66
N ASP C 122 37.67 -44.05 15.47
CA ASP C 122 37.31 -45.35 14.91
C ASP C 122 36.02 -45.29 14.10
N GLU C 123 35.08 -44.42 14.50
CA GLU C 123 33.80 -44.37 13.80
C GLU C 123 33.97 -43.99 12.33
N GLN C 124 34.77 -42.97 12.04
CA GLN C 124 34.95 -42.55 10.65
C GLN C 124 35.80 -43.55 9.87
N LEU C 125 36.74 -44.22 10.53
CA LEU C 125 37.49 -45.28 9.87
C LEU C 125 36.56 -46.42 9.46
N LYS C 126 35.61 -46.78 10.33
CA LYS C 126 34.61 -47.77 9.97
C LYS C 126 33.74 -47.30 8.81
N SER C 127 33.65 -45.99 8.58
CA SER C 127 32.89 -45.46 7.46
C SER C 127 33.62 -45.58 6.13
N GLY C 128 34.88 -46.01 6.14
CA GLY C 128 35.65 -46.14 4.93
C GLY C 128 36.51 -44.94 4.58
N THR C 129 36.60 -43.95 5.45
CA THR C 129 37.39 -42.75 5.20
C THR C 129 38.27 -42.46 6.40
N ALA C 130 39.47 -41.97 6.13
CA ALA C 130 40.42 -41.58 7.15
C ALA C 130 40.72 -40.09 7.01
N SER C 131 40.67 -39.37 8.13
CA SER C 131 40.88 -37.92 8.14
C SER C 131 41.70 -37.57 9.38
N VAL C 132 43.02 -37.51 9.21
CA VAL C 132 43.93 -37.18 10.30
C VAL C 132 43.82 -35.68 10.57
N VAL C 133 43.66 -35.32 11.85
CA VAL C 133 43.48 -33.93 12.27
C VAL C 133 44.80 -33.44 12.85
N CYS C 134 45.25 -32.28 12.37
CA CYS C 134 46.52 -31.69 12.78
C CYS C 134 46.24 -30.29 13.30
N LEU C 135 46.78 -29.96 14.47
CA LEU C 135 46.38 -28.77 15.21
C LEU C 135 47.58 -27.93 15.60
N LEU C 136 47.44 -26.61 15.42
CA LEU C 136 48.37 -25.61 15.92
C LEU C 136 47.60 -24.65 16.81
N ASN C 137 48.19 -24.28 17.95
CA ASN C 137 47.47 -23.53 18.96
C ASN C 137 48.35 -22.43 19.55
N ASN C 138 47.74 -21.27 19.80
CA ASN C 138 48.37 -20.15 20.50
C ASN C 138 49.72 -19.79 19.89
N PHE C 139 49.66 -19.28 18.66
CA PHE C 139 50.85 -18.82 17.96
C PHE C 139 50.62 -17.41 17.42
N TYR C 140 51.72 -16.71 17.14
CA TYR C 140 51.70 -15.39 16.53
C TYR C 140 53.04 -15.18 15.88
N PRO C 141 53.12 -14.53 14.71
CA PRO C 141 52.02 -13.96 13.91
C PRO C 141 51.21 -15.01 13.14
N ARG C 142 50.29 -14.53 12.31
CA ARG C 142 49.45 -15.43 11.51
C ARG C 142 50.29 -16.32 10.61
N GLU C 143 51.41 -15.82 10.10
CA GLU C 143 52.17 -16.54 9.09
C GLU C 143 52.86 -17.75 9.70
N ALA C 144 52.47 -18.94 9.27
CA ALA C 144 53.11 -20.18 9.70
C ALA C 144 52.82 -21.25 8.67
N LYS C 145 53.66 -22.28 8.66
CA LYS C 145 53.57 -23.36 7.68
C LYS C 145 53.45 -24.69 8.41
N VAL C 146 52.69 -25.61 7.82
CA VAL C 146 52.50 -26.96 8.33
C VAL C 146 52.70 -27.94 7.19
N GLN C 147 53.35 -29.06 7.49
CA GLN C 147 53.61 -30.10 6.50
C GLN C 147 53.15 -31.45 7.04
N TRP C 148 52.89 -32.37 6.13
CA TRP C 148 52.37 -33.69 6.46
C TRP C 148 53.43 -34.74 6.16
N LYS C 149 53.54 -35.74 7.03
CA LYS C 149 54.46 -36.85 6.86
C LYS C 149 53.75 -38.15 7.20
N VAL C 150 53.86 -39.13 6.31
CA VAL C 150 53.31 -40.47 6.51
C VAL C 150 54.43 -41.44 6.17
N ASP C 151 54.97 -42.13 7.18
CA ASP C 151 56.11 -43.01 6.98
C ASP C 151 57.27 -42.24 6.35
N ASN C 152 57.43 -40.98 6.74
CA ASN C 152 58.45 -40.08 6.24
C ASN C 152 58.19 -39.62 4.82
N ALA C 153 57.01 -39.91 4.26
CA ALA C 153 56.68 -39.52 2.90
C ALA C 153 55.98 -38.15 2.90
N LEU C 154 56.27 -37.36 1.89
CA LEU C 154 55.64 -36.05 1.75
C LEU C 154 54.25 -36.18 1.16
N GLN C 155 53.35 -35.28 1.55
CA GLN C 155 51.98 -35.26 1.06
C GLN C 155 51.59 -33.84 0.70
N SER C 156 50.84 -33.69 -0.39
CA SER C 156 50.39 -32.38 -0.84
C SER C 156 49.13 -32.55 -1.66
N GLY C 157 48.23 -31.57 -1.56
CA GLY C 157 47.01 -31.56 -2.32
C GLY C 157 45.91 -32.48 -1.80
N ASN C 158 46.03 -32.95 -0.56
CA ASN C 158 45.04 -33.87 0.00
C ASN C 158 44.70 -33.51 1.44
N SER C 159 44.85 -32.24 1.80
CA SER C 159 44.56 -31.78 3.17
C SER C 159 43.80 -30.47 3.11
N GLN C 160 43.01 -30.23 4.16
CA GLN C 160 42.27 -28.99 4.31
C GLN C 160 42.44 -28.47 5.74
N GLU C 161 42.41 -27.15 5.88
CA GLU C 161 42.68 -26.51 7.16
C GLU C 161 41.75 -25.32 7.35
N SER C 162 41.61 -24.91 8.61
CA SER C 162 40.79 -23.76 8.97
C SER C 162 41.60 -22.85 9.88
N VAL C 163 41.29 -21.56 9.82
CA VAL C 163 41.98 -20.54 10.60
C VAL C 163 40.96 -19.72 11.36
N THR C 164 41.21 -19.48 12.64
CA THR C 164 40.33 -18.66 13.46
C THR C 164 40.76 -17.20 13.41
N GLU C 165 39.84 -16.32 13.82
CA GLU C 165 40.16 -14.92 13.96
C GLU C 165 41.11 -14.71 15.15
N GLN C 166 41.85 -13.61 15.10
CA GLN C 166 42.83 -13.33 16.14
C GLN C 166 42.18 -13.32 17.52
N ASP C 167 42.82 -14.00 18.47
CA ASP C 167 42.31 -14.02 19.83
C ASP C 167 42.21 -12.61 20.38
N SER C 168 41.10 -12.33 21.06
CA SER C 168 40.88 -10.99 21.60
C SER C 168 41.80 -10.70 22.78
N LYS C 169 42.11 -11.70 23.59
CA LYS C 169 42.84 -11.50 24.83
C LYS C 169 44.34 -11.71 24.67
N ASP C 170 44.75 -12.93 24.29
CA ASP C 170 46.16 -13.24 24.17
C ASP C 170 46.76 -12.82 22.83
N SER C 171 45.94 -12.38 21.88
CA SER C 171 46.42 -11.86 20.61
C SER C 171 47.26 -12.91 19.86
N THR C 172 46.84 -14.16 19.95
CA THR C 172 47.47 -15.26 19.23
C THR C 172 46.49 -15.83 18.20
N TYR C 173 46.91 -16.91 17.55
CA TYR C 173 46.09 -17.58 16.55
C TYR C 173 46.07 -19.08 16.83
N SER C 174 45.06 -19.76 16.29
CA SER C 174 44.97 -21.21 16.34
C SER C 174 44.64 -21.72 14.94
N LEU C 175 45.11 -22.93 14.64
CA LEU C 175 44.95 -23.51 13.32
C LEU C 175 44.76 -25.01 13.44
N SER C 176 43.89 -25.56 12.59
CA SER C 176 43.70 -27.00 12.48
C SER C 176 43.74 -27.40 11.01
N SER C 177 44.51 -28.43 10.69
CA SER C 177 44.62 -28.95 9.34
C SER C 177 44.24 -30.42 9.34
N THR C 178 43.40 -30.81 8.38
CA THR C 178 42.91 -32.18 8.28
C THR C 178 43.44 -32.81 7.01
N LEU C 179 44.03 -34.00 7.14
CA LEU C 179 44.56 -34.76 6.00
C LEU C 179 43.54 -35.83 5.63
N THR C 180 42.98 -35.73 4.43
CA THR C 180 41.96 -36.65 3.95
C THR C 180 42.63 -37.76 3.16
N LEU C 181 42.38 -39.01 3.55
CA LEU C 181 42.94 -40.17 2.87
C LEU C 181 41.96 -41.33 2.98
N SER C 182 42.11 -42.29 2.08
CA SER C 182 41.23 -43.45 2.07
C SER C 182 41.59 -44.40 3.21
N LYS C 183 40.61 -45.21 3.60
CA LYS C 183 40.83 -46.17 4.68
C LYS C 183 41.90 -47.19 4.29
N ALA C 184 41.88 -47.65 3.05
CA ALA C 184 42.92 -48.58 2.59
C ALA C 184 44.29 -47.91 2.63
N ASP C 185 44.38 -46.66 2.19
CA ASP C 185 45.64 -45.94 2.26
C ASP C 185 46.07 -45.73 3.70
N TYR C 186 45.13 -45.40 4.59
CA TYR C 186 45.47 -45.22 6.00
C TYR C 186 46.02 -46.50 6.60
N GLU C 187 45.39 -47.64 6.29
CA GLU C 187 45.88 -48.93 6.78
C GLU C 187 47.15 -49.37 6.08
N LYS C 188 47.54 -48.70 4.99
CA LYS C 188 48.74 -49.04 4.25
C LYS C 188 49.98 -48.34 4.77
N HIS C 189 49.88 -47.56 5.84
CA HIS C 189 51.02 -46.84 6.40
C HIS C 189 51.01 -46.97 7.91
N LYS C 190 52.20 -46.81 8.49
CA LYS C 190 52.43 -47.04 9.91
C LYS C 190 52.55 -45.75 10.72
N VAL C 191 53.41 -44.83 10.29
CA VAL C 191 53.74 -43.64 11.07
C VAL C 191 53.11 -42.42 10.40
N TYR C 192 52.50 -41.56 11.21
CA TYR C 192 51.90 -40.32 10.77
C TYR C 192 52.54 -39.18 11.54
N ALA C 193 52.82 -38.06 10.85
CA ALA C 193 53.52 -36.96 11.47
C ALA C 193 53.15 -35.63 10.80
N CYS C 194 53.22 -34.56 11.58
CA CYS C 194 53.09 -33.19 11.09
C CYS C 194 54.40 -32.46 11.33
N GLU C 195 54.90 -31.77 10.31
CA GLU C 195 56.05 -30.90 10.46
C GLU C 195 55.60 -29.45 10.39
N VAL C 196 55.89 -28.70 11.45
CA VAL C 196 55.43 -27.32 11.61
C VAL C 196 56.64 -26.40 11.71
N THR C 197 56.65 -25.36 10.88
CA THR C 197 57.70 -24.34 10.89
C THR C 197 57.08 -23.01 11.27
N HIS C 198 57.63 -22.37 12.30
CA HIS C 198 57.12 -21.10 12.79
C HIS C 198 58.30 -20.20 13.13
N GLN C 199 58.07 -18.88 12.99
CA GLN C 199 59.16 -17.93 13.17
C GLN C 199 59.68 -17.93 14.60
N GLY C 200 58.78 -17.93 15.57
CA GLY C 200 59.18 -18.00 16.96
C GLY C 200 59.83 -19.31 17.36
N LEU C 201 59.64 -20.35 16.55
CA LEU C 201 60.29 -21.64 16.79
C LEU C 201 61.67 -21.64 16.12
N SER C 202 62.70 -21.95 16.90
CA SER C 202 64.05 -22.00 16.35
C SER C 202 64.17 -23.06 15.27
N SER C 203 63.59 -24.23 15.50
CA SER C 203 63.58 -25.32 14.53
C SER C 203 62.17 -25.87 14.39
N PRO C 204 61.83 -26.44 13.25
CA PRO C 204 60.50 -27.03 13.09
C PRO C 204 60.24 -28.10 14.13
N VAL C 205 59.00 -28.17 14.61
CA VAL C 205 58.59 -29.15 15.60
C VAL C 205 57.74 -30.20 14.89
N THR C 206 58.07 -31.48 15.12
CA THR C 206 57.38 -32.59 14.48
C THR C 206 56.59 -33.35 15.54
N LYS C 207 55.29 -33.47 15.33
CA LYS C 207 54.41 -34.26 16.18
C LYS C 207 53.91 -35.46 15.39
N SER C 208 54.15 -36.66 15.91
CA SER C 208 53.85 -37.89 15.18
C SER C 208 53.17 -38.90 16.11
N PHE C 209 52.42 -39.80 15.52
CA PHE C 209 51.76 -40.87 16.23
C PHE C 209 51.83 -42.16 15.41
N ASN C 210 51.68 -43.29 16.09
CA ASN C 210 51.66 -44.60 15.45
C ASN C 210 50.22 -45.11 15.38
N ARG C 211 49.93 -45.86 14.32
CA ARG C 211 48.58 -46.39 14.14
C ARG C 211 48.21 -47.30 15.30
N GLY C 212 46.94 -47.26 15.68
CA GLY C 212 46.46 -48.06 16.78
C GLY C 212 46.86 -47.57 18.16
N GLU C 213 47.39 -46.36 18.25
CA GLU C 213 47.82 -45.80 19.53
C GLU C 213 46.69 -44.98 20.16
N TYR D 1 -15.45 49.31 -7.42
CA TYR D 1 -15.59 48.34 -6.29
C TYR D 1 -15.22 48.98 -4.96
N GLU D 2 -16.05 48.75 -3.94
CA GLU D 2 -15.84 49.30 -2.62
C GLU D 2 -15.49 48.19 -1.64
N VAL D 3 -15.20 48.59 -0.40
CA VAL D 3 -14.77 47.66 0.63
C VAL D 3 -15.63 47.89 1.88
N ARG D 4 -15.62 46.89 2.76
CA ARG D 4 -16.35 46.94 4.02
C ARG D 4 -15.38 46.64 5.16
N ASN D 5 -15.10 47.66 5.97
CA ASN D 5 -14.19 47.52 7.11
C ASN D 5 -15.00 47.10 8.33
N ALA D 6 -14.89 45.85 8.73
CA ALA D 6 -15.64 45.36 9.88
C ALA D 6 -15.14 43.99 10.30
N SER D 7 -15.21 43.74 11.60
CA SER D 7 -14.92 42.42 12.17
C SER D 7 -13.49 41.97 11.90
N GLY D 8 -12.58 42.93 11.69
CA GLY D 8 -11.19 42.58 11.48
C GLY D 8 -10.87 42.03 10.11
N LEU D 9 -11.75 42.23 9.14
CA LEU D 9 -11.57 41.75 7.78
C LEU D 9 -11.81 42.89 6.80
N TYR D 10 -11.35 42.70 5.57
CA TYR D 10 -11.71 43.55 4.45
C TYR D 10 -12.24 42.66 3.35
N HIS D 11 -13.45 42.96 2.86
CA HIS D 11 -14.01 42.19 1.76
C HIS D 11 -14.73 43.14 0.82
N VAL D 12 -14.75 42.77 -0.45
CA VAL D 12 -15.32 43.60 -1.49
C VAL D 12 -16.83 43.62 -1.37
N THR D 13 -17.44 44.71 -1.85
CA THR D 13 -18.89 44.85 -1.86
C THR D 13 -19.23 45.96 -2.84
N ASN D 14 -20.51 46.03 -3.22
CA ASN D 14 -20.97 46.96 -4.24
C ASN D 14 -21.74 48.15 -3.68
N ASP D 15 -22.04 48.17 -2.39
CA ASP D 15 -22.83 49.25 -1.81
C ASP D 15 -21.96 50.49 -1.61
N CYS D 16 -22.47 51.64 -2.06
CA CYS D 16 -21.71 52.87 -2.01
C CYS D 16 -21.43 53.28 -0.58
N SER D 17 -20.26 53.89 -0.35
CA SER D 17 -19.92 54.43 0.95
C SER D 17 -20.34 55.90 1.03
N ASN D 18 -20.30 56.44 2.25
CA ASN D 18 -20.73 57.82 2.45
C ASN D 18 -19.87 58.79 1.64
N ALA D 19 -18.59 58.49 1.46
CA ALA D 19 -17.72 59.36 0.69
C ALA D 19 -18.07 59.36 -0.79
N SER D 20 -18.83 58.38 -1.26
CA SER D 20 -19.19 58.26 -2.67
C SER D 20 -20.57 58.81 -2.98
N ILE D 21 -21.24 59.44 -2.03
CA ILE D 21 -22.55 60.04 -2.23
C ILE D 21 -22.42 61.55 -2.00
N VAL D 22 -23.03 62.34 -2.87
CA VAL D 22 -22.87 63.79 -2.82
C VAL D 22 -24.23 64.48 -2.68
N TYR D 23 -25.15 64.19 -3.59
CA TYR D 23 -26.44 64.87 -3.64
C TYR D 23 -27.56 63.84 -3.47
N GLU D 24 -28.54 64.19 -2.62
CA GLU D 24 -29.68 63.32 -2.35
C GLU D 24 -30.95 64.15 -2.30
N THR D 25 -32.07 63.51 -2.63
CA THR D 25 -33.37 64.15 -2.58
C THR D 25 -34.35 63.29 -1.79
N THR D 26 -35.64 63.64 -1.83
CA THR D 26 -36.63 62.86 -1.09
C THR D 26 -36.71 61.43 -1.60
N ASP D 27 -36.68 61.25 -2.92
CA ASP D 27 -36.82 59.92 -3.50
C ASP D 27 -35.76 59.64 -4.56
N MET D 28 -35.17 60.69 -5.12
CA MET D 28 -34.18 60.56 -6.20
C MET D 28 -32.78 60.66 -5.59
N ILE D 29 -31.95 59.66 -5.85
CA ILE D 29 -30.58 59.60 -5.36
C ILE D 29 -29.64 59.42 -6.55
N MET D 30 -28.59 60.22 -6.59
CA MET D 30 -27.54 60.11 -7.60
C MET D 30 -26.24 59.75 -6.91
N HIS D 31 -25.33 59.14 -7.67
CA HIS D 31 -24.12 58.57 -7.10
C HIS D 31 -23.01 58.61 -8.14
N THR D 32 -21.78 58.59 -7.63
CA THR D 32 -20.62 58.48 -8.52
C THR D 32 -20.65 57.12 -9.22
N PRO D 33 -20.32 57.07 -10.51
CA PRO D 33 -20.36 55.79 -11.23
C PRO D 33 -19.43 54.78 -10.59
N GLY D 34 -19.92 53.56 -10.42
CA GLY D 34 -19.12 52.47 -9.88
C GLY D 34 -19.63 51.86 -8.60
N CYS D 35 -20.91 52.04 -8.26
CA CYS D 35 -21.50 51.40 -7.08
C CYS D 35 -22.99 51.73 -7.07
N VAL D 36 -23.72 51.02 -6.22
CA VAL D 36 -25.17 51.23 -6.08
C VAL D 36 -25.50 51.37 -4.60
N PRO D 37 -25.98 52.54 -4.14
CA PRO D 37 -26.24 52.71 -2.71
C PRO D 37 -27.49 51.98 -2.24
N CYS D 38 -27.72 52.04 -0.93
CA CYS D 38 -28.97 51.63 -0.32
C CYS D 38 -29.13 52.42 0.97
N VAL D 39 -30.34 52.42 1.51
CA VAL D 39 -30.71 53.30 2.62
C VAL D 39 -31.32 52.47 3.73
N ARG D 40 -30.94 52.79 4.97
CA ARG D 40 -31.59 52.24 6.15
C ARG D 40 -32.87 53.03 6.43
N GLU D 41 -34.01 52.34 6.47
CA GLU D 41 -35.28 53.02 6.69
C GLU D 41 -36.26 52.08 7.36
N ASP D 42 -37.02 52.61 8.33
CA ASP D 42 -38.10 51.91 9.01
C ASP D 42 -37.77 50.43 9.22
N ASN D 43 -36.57 50.18 9.73
CA ASN D 43 -36.10 48.81 9.99
C ASN D 43 -36.17 47.95 8.73
N SER D 44 -36.12 48.58 7.57
CA SER D 44 -36.15 47.88 6.29
C SER D 44 -35.08 48.46 5.37
N SER D 45 -34.16 47.60 4.95
CA SER D 45 -33.04 47.99 4.10
C SER D 45 -33.20 47.28 2.76
N ARG D 46 -33.71 48.02 1.77
CA ARG D 46 -33.96 47.49 0.44
C ARG D 46 -32.88 47.99 -0.51
N CYS D 47 -32.55 47.16 -1.50
CA CYS D 47 -31.56 47.54 -2.51
C CYS D 47 -32.16 48.59 -3.44
N TRP D 48 -31.60 49.79 -3.42
CA TRP D 48 -32.04 50.87 -4.29
C TRP D 48 -31.75 50.49 -5.74
N VAL D 49 -32.79 50.15 -6.49
CA VAL D 49 -32.60 49.74 -7.89
C VAL D 49 -32.12 50.94 -8.70
N ALA D 50 -31.21 50.68 -9.64
CA ALA D 50 -30.62 51.72 -10.47
C ALA D 50 -31.15 51.60 -11.89
N LEU D 51 -31.62 52.73 -12.44
CA LEU D 51 -32.10 52.77 -13.81
C LEU D 51 -31.07 53.31 -14.79
N THR D 52 -30.02 53.94 -14.31
CA THR D 52 -28.88 54.37 -15.11
C THR D 52 -27.62 54.21 -14.28
N PRO D 53 -26.44 54.34 -14.90
CA PRO D 53 -25.19 54.22 -14.14
C PRO D 53 -25.01 55.30 -13.08
N THR D 54 -25.90 56.31 -13.07
CA THR D 54 -25.74 57.43 -12.15
C THR D 54 -27.00 57.69 -11.33
N LEU D 55 -28.16 57.32 -11.84
CA LEU D 55 -29.43 57.56 -11.17
C LEU D 55 -29.99 56.25 -10.65
N ALA D 56 -30.78 56.33 -9.57
CA ALA D 56 -31.38 55.15 -8.97
C ALA D 56 -32.65 55.54 -8.23
N ALA D 57 -33.49 54.54 -7.97
CA ALA D 57 -34.75 54.73 -7.29
C ALA D 57 -35.12 53.45 -6.53
N ARG D 58 -36.19 53.52 -5.75
CA ARG D 58 -36.72 52.35 -5.06
C ARG D 58 -37.90 51.73 -5.78
N ASN D 59 -38.66 52.52 -6.53
CA ASN D 59 -39.92 52.06 -7.10
C ASN D 59 -40.23 52.95 -8.28
N ALA D 60 -40.20 52.37 -9.48
CA ALA D 60 -40.29 53.12 -10.73
C ALA D 60 -41.72 53.46 -11.13
N SER D 61 -42.71 53.07 -10.32
CA SER D 61 -44.10 53.31 -10.70
C SER D 61 -44.38 54.81 -10.84
N VAL D 62 -44.29 55.56 -9.75
CA VAL D 62 -44.63 56.97 -9.75
C VAL D 62 -43.70 57.76 -10.65
N PRO D 63 -42.37 57.61 -10.52
CA PRO D 63 -41.47 58.43 -11.35
C PRO D 63 -41.66 58.22 -12.84
N THR D 64 -41.98 57.01 -13.27
CA THR D 64 -42.15 56.72 -14.69
C THR D 64 -43.55 57.10 -15.14
N PRO D 104 -29.42 67.95 0.19
CA PRO D 104 -29.39 68.07 1.65
C PRO D 104 -29.45 66.72 2.35
N ARG D 105 -28.79 66.61 3.50
CA ARG D 105 -28.70 65.35 4.23
C ARG D 105 -30.08 64.95 4.71
N ARG D 106 -30.69 63.99 4.03
CA ARG D 106 -32.01 63.49 4.36
C ARG D 106 -32.05 61.98 4.52
N HIS D 107 -31.26 61.25 3.72
CA HIS D 107 -31.26 59.79 3.75
C HIS D 107 -30.06 59.27 4.54
N GLU D 108 -30.23 58.09 5.13
CA GLU D 108 -29.19 57.44 5.90
C GLU D 108 -28.83 56.12 5.22
N THR D 109 -27.58 55.98 4.82
CA THR D 109 -27.09 54.78 4.15
C THR D 109 -26.36 53.88 5.15
N VAL D 110 -25.86 52.75 4.65
CA VAL D 110 -25.20 51.76 5.48
C VAL D 110 -24.32 50.88 4.60
N GLN D 111 -23.32 50.25 5.20
CA GLN D 111 -22.35 49.44 4.49
C GLN D 111 -22.45 47.96 4.83
N ASP D 112 -23.65 47.50 5.20
CA ASP D 112 -23.92 46.09 5.44
C ASP D 112 -24.92 45.56 4.40
N CYS D 113 -24.69 45.94 3.15
CA CYS D 113 -25.70 45.90 2.11
C CYS D 113 -25.18 45.09 0.93
N ASN D 114 -25.71 43.89 0.74
CA ASN D 114 -25.30 43.03 -0.38
C ASN D 114 -26.33 43.19 -1.49
N CYS D 115 -25.98 43.97 -2.51
CA CYS D 115 -26.89 44.24 -3.62
C CYS D 115 -26.14 44.05 -4.93
N SER D 116 -26.76 43.35 -5.88
CA SER D 116 -26.11 43.03 -7.15
C SER D 116 -24.73 42.44 -6.89
N ILE D 117 -24.66 41.56 -5.90
CA ILE D 117 -23.38 41.17 -5.32
C ILE D 117 -22.86 39.86 -5.87
N TYR D 118 -23.74 38.91 -6.17
CA TYR D 118 -23.36 37.68 -6.86
C TYR D 118 -24.53 37.21 -7.74
N PRO D 119 -25.07 38.07 -8.60
CA PRO D 119 -26.26 37.69 -9.36
C PRO D 119 -25.96 36.73 -10.50
N GLY D 120 -26.44 35.49 -10.38
CA GLY D 120 -26.32 34.54 -11.47
C GLY D 120 -27.13 34.96 -12.67
N HIS D 121 -26.48 35.12 -13.82
CA HIS D 121 -27.12 35.57 -15.05
C HIS D 121 -28.15 36.66 -14.79
N LEU E 24 -21.67 6.09 4.71
CA LEU E 24 -21.32 4.65 4.49
C LEU E 24 -21.79 3.80 5.65
N THR E 25 -21.76 2.47 5.46
CA THR E 25 -22.19 1.52 6.49
C THR E 25 -23.60 1.83 6.97
N LEU E 26 -24.51 1.97 6.01
CA LEU E 26 -25.91 2.23 6.34
C LEU E 26 -26.48 1.07 7.15
N THR E 27 -27.36 1.40 8.10
CA THR E 27 -27.98 0.42 8.97
C THR E 27 -29.43 0.77 9.19
N GLN E 28 -30.24 -0.24 9.52
CA GLN E 28 -31.67 -0.06 9.69
C GLN E 28 -32.18 -1.02 10.76
N SER E 29 -33.29 -0.63 11.39
CA SER E 29 -33.96 -1.45 12.39
C SER E 29 -35.46 -1.25 12.26
N PRO E 30 -36.27 -2.25 12.64
CA PRO E 30 -35.87 -3.57 13.12
C PRO E 30 -35.54 -4.52 11.98
N GLY E 31 -34.94 -5.67 12.31
CA GLY E 31 -34.61 -6.63 11.27
C GLY E 31 -35.82 -7.14 10.52
N THR E 32 -36.89 -7.43 11.25
CA THR E 32 -38.12 -7.95 10.65
C THR E 32 -39.32 -7.26 11.29
N LEU E 33 -40.41 -7.17 10.52
CA LEU E 33 -41.65 -6.58 10.96
C LEU E 33 -42.77 -7.59 10.86
N SER E 34 -43.84 -7.36 11.62
CA SER E 34 -45.02 -8.22 11.58
C SER E 34 -46.25 -7.33 11.76
N LEU E 35 -46.93 -7.04 10.66
CA LEU E 35 -48.07 -6.13 10.68
C LEU E 35 -49.30 -6.77 10.04
N SER E 36 -50.36 -5.99 9.86
CA SER E 36 -51.59 -6.44 9.23
C SER E 36 -51.97 -5.46 8.13
N PRO E 37 -52.70 -5.90 7.11
CA PRO E 37 -53.03 -5.01 6.00
C PRO E 37 -53.87 -3.83 6.45
N GLY E 38 -53.65 -2.69 5.79
CA GLY E 38 -54.40 -1.49 6.08
C GLY E 38 -53.91 -0.70 7.28
N GLU E 39 -52.69 -0.94 7.73
CA GLU E 39 -52.19 -0.34 8.96
C GLU E 39 -50.97 0.53 8.70
N ARG E 40 -50.86 1.60 9.49
CA ARG E 40 -49.72 2.50 9.43
C ARG E 40 -48.44 1.75 9.78
N ALA E 41 -47.40 1.97 8.98
CA ALA E 41 -46.13 1.28 9.16
C ALA E 41 -44.98 2.28 9.05
N THR E 42 -43.91 2.01 9.79
CA THR E 42 -42.72 2.84 9.80
C THR E 42 -41.49 2.00 9.54
N LEU E 43 -40.52 2.60 8.84
CA LEU E 43 -39.28 1.89 8.47
C LEU E 43 -38.18 2.94 8.35
N SER E 44 -37.18 2.86 9.24
CA SER E 44 -36.11 3.83 9.32
C SER E 44 -34.77 3.15 9.13
N CYS E 45 -33.89 3.76 8.33
CA CYS E 45 -32.51 3.29 8.19
C CYS E 45 -31.59 4.44 8.53
N ARG E 46 -30.65 4.17 9.44
CA ARG E 46 -29.76 5.18 10.00
C ARG E 46 -28.38 5.07 9.40
N ALA E 47 -27.72 6.21 9.20
CA ALA E 47 -26.37 6.27 8.66
C ALA E 47 -25.40 6.74 9.73
N SER E 48 -24.18 6.20 9.67
CA SER E 48 -23.15 6.66 10.61
C SER E 48 -22.85 8.13 10.41
N GLN E 49 -22.76 8.57 9.15
CA GLN E 49 -22.59 9.97 8.80
C GLN E 49 -23.75 10.40 7.91
N SER E 50 -24.35 11.54 8.24
CA SER E 50 -25.49 12.03 7.47
C SER E 50 -25.06 12.38 6.06
N VAL E 51 -25.88 11.96 5.08
CA VAL E 51 -25.57 12.27 3.68
C VAL E 51 -25.98 13.70 3.36
N SER E 52 -25.22 14.33 2.48
CA SER E 52 -25.43 15.72 2.13
C SER E 52 -26.68 15.88 1.26
N ASN E 53 -27.36 17.01 1.41
CA ASN E 53 -28.48 17.36 0.56
C ASN E 53 -29.60 16.32 0.62
N ASN E 54 -29.63 15.53 1.69
CA ASN E 54 -30.63 14.47 1.85
C ASN E 54 -30.66 13.57 0.62
N TYR E 55 -29.52 12.96 0.33
CA TYR E 55 -29.38 12.02 -0.78
C TYR E 55 -29.62 10.62 -0.24
N LEU E 56 -30.70 9.99 -0.71
CA LEU E 56 -31.08 8.66 -0.25
C LEU E 56 -32.26 8.17 -1.08
N ALA E 57 -32.39 6.85 -1.19
CA ALA E 57 -33.45 6.25 -1.98
C ALA E 57 -33.71 4.84 -1.48
N TRP E 58 -34.98 4.42 -1.55
CA TRP E 58 -35.41 3.12 -1.10
C TRP E 58 -35.74 2.23 -2.29
N TYR E 59 -35.70 0.92 -2.06
CA TYR E 59 -36.01 -0.06 -3.08
C TYR E 59 -36.93 -1.13 -2.51
N GLN E 60 -37.72 -1.73 -3.39
CA GLN E 60 -38.67 -2.78 -3.03
C GLN E 60 -38.37 -4.00 -3.89
N GLN E 61 -38.31 -5.18 -3.28
CA GLN E 61 -38.03 -6.42 -3.98
C GLN E 61 -39.08 -7.45 -3.59
N LYS E 62 -40.03 -7.68 -4.48
CA LYS E 62 -40.93 -8.80 -4.26
C LYS E 62 -40.17 -10.10 -4.46
N PRO E 63 -40.55 -11.17 -3.76
CA PRO E 63 -39.80 -12.43 -3.87
C PRO E 63 -39.75 -12.92 -5.31
N GLY E 64 -38.57 -13.37 -5.72
CA GLY E 64 -38.39 -13.88 -7.07
C GLY E 64 -38.76 -12.89 -8.15
N GLN E 65 -38.35 -11.63 -7.98
CA GLN E 65 -38.68 -10.58 -8.94
C GLN E 65 -37.57 -9.54 -8.91
N ALA E 66 -37.60 -8.66 -9.91
CA ALA E 66 -36.60 -7.60 -10.01
C ALA E 66 -36.96 -6.45 -9.07
N PRO E 67 -36.09 -6.06 -8.14
CA PRO E 67 -36.42 -4.93 -7.26
C PRO E 67 -36.64 -3.64 -8.05
N ARG E 68 -37.57 -2.83 -7.56
CA ARG E 68 -37.99 -1.61 -8.24
C ARG E 68 -37.89 -0.42 -7.29
N LEU E 69 -37.84 0.77 -7.89
CA LEU E 69 -37.56 2.00 -7.15
C LEU E 69 -38.83 2.58 -6.55
N LEU E 70 -38.69 3.14 -5.33
CA LEU E 70 -39.81 3.77 -4.64
C LEU E 70 -39.61 5.27 -4.43
N ILE E 71 -38.52 5.68 -3.79
CA ILE E 71 -38.33 7.06 -3.35
C ILE E 71 -36.90 7.48 -3.64
N TYR E 72 -36.72 8.71 -4.12
CA TYR E 72 -35.40 9.30 -4.28
C TYR E 72 -35.41 10.69 -3.65
N GLY E 73 -34.32 11.01 -2.96
CA GLY E 73 -34.26 12.24 -2.19
C GLY E 73 -34.93 12.15 -0.84
N ALA E 74 -35.48 10.99 -0.49
CA ALA E 74 -36.07 10.75 0.83
C ALA E 74 -37.45 11.40 0.94
N SER E 75 -37.89 12.15 -0.07
CA SER E 75 -39.22 12.74 -0.07
C SER E 75 -39.96 12.64 -1.39
N SER E 76 -39.26 12.53 -2.53
CA SER E 76 -39.91 12.53 -3.83
C SER E 76 -40.24 11.11 -4.25
N ARG E 77 -41.44 10.92 -4.79
CA ARG E 77 -41.94 9.61 -5.17
C ARG E 77 -41.79 9.40 -6.68
N ALA E 78 -41.43 8.18 -7.05
CA ALA E 78 -41.22 7.83 -8.45
C ALA E 78 -42.57 7.57 -9.11
N THR E 79 -42.55 7.31 -10.41
CA THR E 79 -43.77 7.12 -11.19
C THR E 79 -44.47 5.84 -10.81
N GLY E 80 -45.79 5.84 -10.99
CA GLY E 80 -46.58 4.65 -10.72
C GLY E 80 -46.53 4.17 -9.29
N ILE E 81 -46.54 5.08 -8.33
CA ILE E 81 -46.46 4.74 -6.92
C ILE E 81 -47.72 5.26 -6.24
N PRO E 82 -48.43 4.42 -5.47
CA PRO E 82 -49.58 4.93 -4.71
C PRO E 82 -49.11 5.86 -3.59
N ASP E 83 -50.02 6.76 -3.20
CA ASP E 83 -49.71 7.71 -2.15
C ASP E 83 -49.46 7.04 -0.80
N ARG E 84 -49.66 5.72 -0.71
CA ARG E 84 -49.43 5.03 0.56
C ARG E 84 -47.97 5.09 0.97
N PHE E 85 -47.06 4.93 0.01
CA PHE E 85 -45.63 4.86 0.28
C PHE E 85 -45.05 6.28 0.18
N SER E 86 -44.46 6.75 1.28
CA SER E 86 -43.79 8.04 1.29
C SER E 86 -42.77 8.07 2.41
N GLY E 87 -41.81 9.00 2.31
CA GLY E 87 -40.78 9.13 3.31
C GLY E 87 -40.41 10.59 3.51
N SER E 88 -39.75 10.86 4.63
CA SER E 88 -39.36 12.22 4.99
C SER E 88 -38.19 12.15 5.97
N GLY E 89 -37.51 13.28 6.12
CA GLY E 89 -36.41 13.40 7.04
C GLY E 89 -35.23 14.14 6.41
N SER E 90 -34.15 14.17 7.16
CA SER E 90 -32.90 14.80 6.72
C SER E 90 -31.82 14.47 7.73
N GLY E 91 -30.58 14.85 7.38
CA GLY E 91 -29.45 14.58 8.24
C GLY E 91 -29.21 13.11 8.45
N THR E 92 -29.08 12.68 9.70
CA THR E 92 -28.84 11.29 10.03
C THR E 92 -30.12 10.48 10.21
N GLY E 93 -31.29 11.14 10.22
CA GLY E 93 -32.55 10.46 10.44
C GLY E 93 -33.35 10.33 9.15
N PHE E 94 -33.93 9.16 8.94
CA PHE E 94 -34.77 8.90 7.78
C PHE E 94 -35.83 7.88 8.16
N THR E 95 -36.93 7.90 7.40
CA THR E 95 -38.06 7.02 7.68
C THR E 95 -38.81 6.75 6.38
N LEU E 96 -39.33 5.54 6.25
CA LEU E 96 -40.25 5.16 5.17
C LEU E 96 -41.62 4.88 5.77
N ILE E 97 -42.65 5.48 5.19
CA ILE E 97 -43.99 5.48 5.78
C ILE E 97 -44.95 4.85 4.79
N ILE E 98 -45.71 3.86 5.25
CA ILE E 98 -46.77 3.24 4.49
C ILE E 98 -48.09 3.66 5.10
N SER E 99 -48.95 4.28 4.29
CA SER E 99 -50.24 4.74 4.81
C SER E 99 -51.09 3.57 5.29
N ARG E 100 -51.16 2.51 4.49
CA ARG E 100 -51.93 1.32 4.86
C ARG E 100 -51.33 0.13 4.12
N LEU E 101 -50.93 -0.89 4.88
CA LEU E 101 -50.34 -2.07 4.28
C LEU E 101 -51.36 -2.80 3.41
N GLU E 102 -50.88 -3.42 2.35
CA GLU E 102 -51.70 -4.15 1.40
C GLU E 102 -51.11 -5.53 1.19
N PRO E 103 -51.88 -6.45 0.62
CA PRO E 103 -51.36 -7.81 0.40
C PRO E 103 -50.08 -7.83 -0.42
N GLU E 104 -49.92 -6.91 -1.37
CA GLU E 104 -48.73 -6.86 -2.21
C GLU E 104 -47.60 -6.05 -1.59
N ASP E 105 -47.82 -5.41 -0.45
CA ASP E 105 -46.82 -4.52 0.12
C ASP E 105 -45.72 -5.27 0.86
N PHE E 106 -45.93 -6.56 1.16
CA PHE E 106 -44.94 -7.32 1.91
C PHE E 106 -43.77 -7.69 0.97
N ALA E 107 -42.58 -7.25 1.32
CA ALA E 107 -41.37 -7.48 0.53
C ALA E 107 -40.17 -7.12 1.40
N VAL E 108 -38.99 -7.07 0.79
CA VAL E 108 -37.77 -6.64 1.47
C VAL E 108 -37.38 -5.27 0.94
N TYR E 109 -37.06 -4.35 1.85
CA TYR E 109 -36.78 -2.97 1.51
C TYR E 109 -35.33 -2.63 1.80
N TYR E 110 -34.70 -1.94 0.86
CA TYR E 110 -33.30 -1.52 0.97
C TYR E 110 -33.23 -0.02 0.72
N CYS E 111 -32.56 0.70 1.62
CA CYS E 111 -32.29 2.11 1.40
C CYS E 111 -30.85 2.26 0.90
N GLN E 112 -30.68 3.07 -0.14
CA GLN E 112 -29.44 3.10 -0.92
C GLN E 112 -28.80 4.47 -0.82
N GLN E 113 -28.03 4.68 0.25
CA GLN E 113 -27.33 5.95 0.40
C GLN E 113 -26.36 6.17 -0.75
N TYR E 114 -26.35 7.39 -1.28
CA TYR E 114 -25.55 7.70 -2.45
C TYR E 114 -25.00 9.12 -2.33
N GLY E 115 -24.38 9.59 -3.40
CA GLY E 115 -23.69 10.86 -3.39
C GLY E 115 -22.29 10.74 -2.83
N SER E 116 -21.54 11.83 -2.97
CA SER E 116 -20.16 11.90 -2.46
C SER E 116 -19.27 10.82 -3.08
N SER E 117 -19.49 10.51 -4.35
CA SER E 117 -18.66 9.57 -5.08
C SER E 117 -18.57 8.22 -4.36
N SER E 118 -19.71 7.74 -3.87
CA SER E 118 -19.79 6.42 -3.26
C SER E 118 -21.25 6.09 -3.00
N ILE E 119 -21.62 4.82 -3.20
CA ILE E 119 -22.98 4.36 -2.95
C ILE E 119 -22.93 3.01 -2.28
N THR E 120 -23.77 2.83 -1.25
CA THR E 120 -23.87 1.59 -0.50
C THR E 120 -25.34 1.22 -0.37
N PHE E 121 -25.58 0.03 0.18
CA PHE E 121 -26.93 -0.50 0.33
C PHE E 121 -27.14 -0.91 1.78
N GLY E 122 -28.40 -0.85 2.21
CA GLY E 122 -28.74 -1.35 3.52
C GLY E 122 -28.81 -2.86 3.54
N GLN E 123 -28.84 -3.42 4.74
CA GLN E 123 -28.94 -4.87 4.88
C GLN E 123 -30.25 -5.39 4.31
N GLY E 124 -31.36 -4.91 4.85
CA GLY E 124 -32.67 -5.30 4.38
C GLY E 124 -33.64 -5.42 5.54
N THR E 125 -34.93 -5.38 5.19
CA THR E 125 -35.99 -5.48 6.20
C THR E 125 -37.22 -6.08 5.52
N ARG E 126 -37.71 -7.18 6.06
CA ARG E 126 -38.83 -7.91 5.49
C ARG E 126 -40.11 -7.61 6.25
N LEU E 127 -41.23 -7.71 5.55
CA LEU E 127 -42.55 -7.54 6.15
C LEU E 127 -43.27 -8.88 6.22
N GLU E 128 -43.80 -9.19 7.39
CA GLU E 128 -44.56 -10.41 7.62
C GLU E 128 -46.00 -10.05 7.96
N ILE E 129 -46.82 -11.08 8.19
CA ILE E 129 -48.21 -10.91 8.58
C ILE E 129 -48.34 -11.37 10.03
N LYS E 130 -48.83 -10.48 10.89
CA LYS E 130 -49.00 -10.79 12.31
C LYS E 130 -50.34 -11.49 12.49
N ARG E 131 -50.30 -12.82 12.59
CA ARG E 131 -51.48 -13.64 12.81
C ARG E 131 -51.30 -14.46 14.09
N THR E 132 -52.35 -15.19 14.45
CA THR E 132 -52.34 -15.92 15.71
C THR E 132 -51.30 -17.02 15.69
N VAL E 133 -50.77 -17.33 16.88
CA VAL E 133 -49.75 -18.36 17.02
C VAL E 133 -50.36 -19.72 16.68
N ALA E 134 -49.62 -20.52 15.92
CA ALA E 134 -50.06 -21.84 15.49
C ALA E 134 -49.11 -22.90 16.01
N ALA E 135 -49.68 -23.99 16.51
CA ALA E 135 -48.86 -25.09 17.04
C ALA E 135 -48.27 -25.92 15.90
N PRO E 136 -47.14 -26.56 16.13
CA PRO E 136 -46.49 -27.34 15.06
C PRO E 136 -46.91 -28.81 15.06
N SER E 137 -46.52 -29.49 13.99
CA SER E 137 -46.70 -30.92 13.84
C SER E 137 -45.34 -31.55 13.58
N VAL E 138 -44.95 -32.50 14.42
CA VAL E 138 -43.63 -33.10 14.38
C VAL E 138 -43.69 -34.39 13.58
N PHE E 139 -42.74 -34.55 12.66
CA PHE E 139 -42.66 -35.74 11.83
C PHE E 139 -41.19 -36.16 11.70
N ILE E 140 -40.99 -37.45 11.46
CA ILE E 140 -39.65 -38.02 11.30
C ILE E 140 -39.72 -39.12 10.25
N PHE E 141 -38.68 -39.20 9.43
CA PHE E 141 -38.57 -40.21 8.38
C PHE E 141 -37.28 -40.98 8.55
N PRO E 142 -37.31 -42.26 8.92
CA PRO E 142 -36.08 -43.02 8.98
C PRO E 142 -35.44 -43.12 7.61
N PRO E 143 -34.12 -43.24 7.54
CA PRO E 143 -33.45 -43.24 6.23
C PRO E 143 -33.93 -44.40 5.35
N SER E 144 -33.99 -44.13 4.05
CA SER E 144 -34.44 -45.14 3.10
C SER E 144 -33.46 -46.30 3.04
N ASP E 145 -33.99 -47.49 2.73
CA ASP E 145 -33.14 -48.66 2.61
C ASP E 145 -32.11 -48.49 1.51
N GLU E 146 -32.51 -47.91 0.38
CA GLU E 146 -31.56 -47.62 -0.69
C GLU E 146 -30.50 -46.63 -0.22
N GLN E 147 -30.92 -45.61 0.55
CA GLN E 147 -29.96 -44.66 1.09
C GLN E 147 -28.95 -45.35 1.99
N LEU E 148 -29.42 -46.25 2.86
CA LEU E 148 -28.49 -47.00 3.71
C LEU E 148 -27.56 -47.86 2.88
N LYS E 149 -28.08 -48.48 1.82
CA LYS E 149 -27.22 -49.28 0.95
C LYS E 149 -26.09 -48.44 0.36
N SER E 150 -26.29 -47.13 0.24
CA SER E 150 -25.25 -46.23 -0.24
C SER E 150 -24.14 -46.03 0.77
N GLY E 151 -24.31 -46.50 2.00
CA GLY E 151 -23.31 -46.36 3.04
C GLY E 151 -23.54 -45.18 3.98
N THR E 152 -24.52 -44.33 3.71
CA THR E 152 -24.80 -43.17 4.53
C THR E 152 -26.29 -43.13 4.84
N ALA E 153 -26.62 -42.48 5.96
CA ALA E 153 -28.01 -42.36 6.42
C ALA E 153 -28.37 -40.90 6.53
N SER E 154 -29.61 -40.57 6.17
CA SER E 154 -30.14 -39.21 6.23
C SER E 154 -31.54 -39.27 6.83
N VAL E 155 -31.64 -38.94 8.12
CA VAL E 155 -32.93 -38.88 8.80
C VAL E 155 -33.39 -37.43 8.84
N VAL E 156 -34.63 -37.19 8.41
CA VAL E 156 -35.18 -35.85 8.28
C VAL E 156 -36.37 -35.73 9.22
N CYS E 157 -36.38 -34.69 10.05
CA CYS E 157 -37.48 -34.39 10.95
C CYS E 157 -38.24 -33.20 10.38
N LEU E 158 -39.51 -33.43 10.00
CA LEU E 158 -40.29 -32.45 9.27
C LEU E 158 -41.20 -31.69 10.23
N LEU E 159 -41.24 -30.36 10.05
CA LEU E 159 -42.05 -29.48 10.88
C LEU E 159 -42.78 -28.51 9.97
N ASN E 160 -44.07 -28.30 10.19
CA ASN E 160 -44.87 -27.47 9.31
C ASN E 160 -46.10 -26.94 10.05
N ASN E 161 -46.70 -25.89 9.48
CA ASN E 161 -47.96 -25.31 9.97
C ASN E 161 -47.82 -24.90 11.43
N PHE E 162 -46.93 -23.92 11.64
CA PHE E 162 -46.63 -23.46 13.00
C PHE E 162 -46.30 -21.97 12.94
N TYR E 163 -45.79 -21.45 14.05
CA TYR E 163 -45.35 -20.06 14.16
C TYR E 163 -43.83 -20.01 14.22
N ARG E 164 -43.25 -19.10 13.45
CA ARG E 164 -41.82 -19.13 13.16
C ARG E 164 -41.00 -18.90 14.41
N GLU E 165 -39.68 -18.84 14.25
CA GLU E 165 -38.74 -18.66 15.35
C GLU E 165 -38.83 -19.81 16.35
N ALA E 166 -38.50 -21.01 15.87
CA ALA E 166 -38.43 -22.22 16.68
C ALA E 166 -37.07 -22.88 16.50
N LYS E 167 -36.87 -24.01 17.17
CA LYS E 167 -35.61 -24.73 17.12
C LYS E 167 -35.87 -26.20 17.40
N VAL E 168 -35.31 -27.05 16.55
CA VAL E 168 -35.44 -28.50 16.65
C VAL E 168 -34.17 -29.06 17.27
N GLN E 169 -34.32 -30.14 18.04
CA GLN E 169 -33.21 -30.81 18.70
C GLN E 169 -33.07 -32.23 18.16
N TRP E 170 -31.87 -32.80 18.36
CA TRP E 170 -31.56 -34.15 17.92
C TRP E 170 -31.03 -34.96 19.09
N LYS E 171 -31.42 -36.23 19.15
CA LYS E 171 -30.93 -37.15 20.18
C LYS E 171 -30.78 -38.52 19.56
N VAL E 172 -29.55 -39.02 19.49
CA VAL E 172 -29.24 -40.34 18.95
C VAL E 172 -28.93 -41.24 20.14
N ASP E 173 -29.91 -42.05 20.54
CA ASP E 173 -29.77 -42.95 21.68
C ASP E 173 -29.46 -42.16 22.95
N ASN E 174 -30.33 -41.19 23.24
CA ASN E 174 -30.19 -40.34 24.42
C ASN E 174 -28.86 -39.60 24.42
N ALA E 175 -28.41 -39.19 23.23
CA ALA E 175 -27.17 -38.44 23.07
C ALA E 175 -27.44 -37.26 22.15
N LEU E 176 -27.31 -36.05 22.67
CA LEU E 176 -27.57 -34.86 21.87
C LEU E 176 -26.53 -34.73 20.77
N GLN E 177 -26.96 -34.16 19.63
CA GLN E 177 -26.12 -33.99 18.47
C GLN E 177 -26.02 -32.52 18.11
N SER E 178 -24.84 -32.13 17.61
CA SER E 178 -24.62 -30.75 17.19
C SER E 178 -23.59 -30.75 16.07
N GLY E 179 -23.75 -29.81 15.14
CA GLY E 179 -22.82 -29.68 14.05
C GLY E 179 -22.94 -30.75 12.98
N ASN E 180 -24.03 -31.52 12.99
CA ASN E 180 -24.19 -32.60 12.02
C ASN E 180 -25.58 -32.63 11.40
N SER E 181 -26.40 -31.59 11.57
CA SER E 181 -27.73 -31.54 11.02
C SER E 181 -27.89 -30.28 10.18
N GLN E 182 -28.55 -30.42 9.02
CA GLN E 182 -28.79 -29.32 8.11
C GLN E 182 -30.28 -29.02 8.08
N GLU E 183 -30.63 -27.75 8.26
CA GLU E 183 -32.01 -27.31 8.36
C GLU E 183 -32.38 -26.45 7.16
N SER E 184 -33.62 -26.58 6.70
CA SER E 184 -34.17 -25.76 5.64
C SER E 184 -35.46 -25.12 6.13
N VAL E 185 -35.82 -23.99 5.54
CA VAL E 185 -36.99 -23.22 5.93
C VAL E 185 -37.83 -22.92 4.70
N THR E 186 -39.12 -22.71 4.92
CA THR E 186 -40.07 -22.40 3.86
C THR E 186 -40.45 -20.92 3.93
N GLU E 187 -40.76 -20.35 2.77
CA GLU E 187 -41.22 -18.97 2.72
C GLU E 187 -42.66 -18.88 3.25
N GLN E 188 -43.08 -17.65 3.53
CA GLN E 188 -44.40 -17.44 4.13
C GLN E 188 -45.50 -17.91 3.18
N ASP E 189 -46.46 -18.67 3.71
CA ASP E 189 -47.55 -19.17 2.91
C ASP E 189 -48.50 -18.06 2.52
N SER E 190 -49.11 -18.20 1.34
CA SER E 190 -50.03 -17.18 0.84
C SER E 190 -51.31 -17.14 1.66
N LYS E 191 -51.87 -18.29 1.99
CA LYS E 191 -53.19 -18.36 2.63
C LYS E 191 -53.07 -18.56 4.14
N ASP E 192 -52.45 -19.65 4.58
CA ASP E 192 -52.35 -19.96 5.99
C ASP E 192 -51.34 -19.08 6.72
N SER E 193 -50.34 -18.56 6.00
CA SER E 193 -49.29 -17.74 6.60
C SER E 193 -48.57 -18.50 7.71
N THR E 194 -48.01 -19.66 7.37
CA THR E 194 -47.22 -20.45 8.30
C THR E 194 -45.88 -20.80 7.68
N TYR E 195 -45.01 -21.40 8.47
CA TYR E 195 -43.67 -21.79 8.05
C TYR E 195 -43.52 -23.30 8.16
N SER E 196 -42.44 -23.81 7.56
CA SER E 196 -42.17 -25.24 7.58
C SER E 196 -40.67 -25.47 7.44
N LEU E 197 -40.15 -26.44 8.18
CA LEU E 197 -38.74 -26.76 8.20
C LEU E 197 -38.52 -28.23 7.83
N SER E 198 -37.30 -28.53 7.39
CA SER E 198 -36.84 -29.90 7.15
C SER E 198 -35.43 -30.01 7.71
N SER E 199 -35.31 -30.47 8.95
CA SER E 199 -34.02 -30.66 9.58
C SER E 199 -33.46 -32.02 9.19
N THR E 200 -32.42 -32.02 8.37
CA THR E 200 -31.80 -33.24 7.87
C THR E 200 -30.55 -33.53 8.69
N LEU E 201 -30.52 -34.69 9.34
CA LEU E 201 -29.37 -35.13 10.12
C LEU E 201 -28.59 -36.15 9.30
N THR E 202 -27.31 -35.87 9.08
CA THR E 202 -26.45 -36.70 8.26
C THR E 202 -25.59 -37.59 9.16
N LEU E 203 -25.64 -38.89 8.91
CA LEU E 203 -24.83 -39.84 9.66
C LEU E 203 -24.55 -41.04 8.77
N SER E 204 -23.36 -41.61 8.92
CA SER E 204 -22.97 -42.75 8.11
C SER E 204 -23.78 -43.98 8.49
N LYS E 205 -23.77 -44.98 7.60
CA LYS E 205 -24.46 -46.22 7.88
C LYS E 205 -23.89 -46.89 9.13
N ALA E 206 -22.57 -46.86 9.29
CA ALA E 206 -21.96 -47.40 10.50
C ALA E 206 -22.46 -46.67 11.73
N ASP E 207 -22.52 -45.34 11.67
CA ASP E 207 -23.04 -44.58 12.81
C ASP E 207 -24.50 -44.91 13.07
N TYR E 208 -25.30 -45.07 12.01
CA TYR E 208 -26.70 -45.45 12.20
C TYR E 208 -26.81 -46.79 12.90
N GLU E 209 -25.99 -47.77 12.50
CA GLU E 209 -26.04 -49.09 13.13
C GLU E 209 -25.47 -49.07 14.54
N LYS E 210 -24.59 -48.13 14.85
CA LYS E 210 -24.01 -48.07 16.19
C LYS E 210 -25.03 -47.71 17.26
N HIS E 211 -26.17 -47.13 16.88
CA HIS E 211 -27.19 -46.69 17.82
C HIS E 211 -28.55 -47.20 17.39
N LYS E 212 -29.41 -47.44 18.37
CA LYS E 212 -30.73 -48.00 18.14
C LYS E 212 -31.86 -46.98 18.23
N VAL E 213 -31.85 -46.13 19.25
CA VAL E 213 -32.93 -45.18 19.49
C VAL E 213 -32.56 -43.84 18.87
N TYR E 214 -33.50 -43.24 18.15
CA TYR E 214 -33.31 -41.94 17.51
C TYR E 214 -34.54 -41.10 17.77
N ALA E 215 -34.34 -39.86 18.23
CA ALA E 215 -35.44 -38.99 18.63
C ALA E 215 -35.27 -37.60 18.05
N CYS E 216 -36.39 -36.94 17.80
CA CYS E 216 -36.43 -35.55 17.35
C CYS E 216 -37.30 -34.76 18.30
N GLU E 217 -36.78 -33.62 18.79
CA GLU E 217 -37.50 -32.76 19.73
C GLU E 217 -37.45 -31.33 19.21
N VAL E 218 -38.49 -30.57 19.53
CA VAL E 218 -38.62 -29.20 19.06
C VAL E 218 -39.02 -28.30 20.23
N THR E 219 -38.49 -27.08 20.22
CA THR E 219 -38.83 -26.05 21.20
C THR E 219 -39.55 -24.92 20.48
N HIS E 220 -40.74 -24.59 20.94
CA HIS E 220 -41.57 -23.56 20.33
C HIS E 220 -42.12 -22.63 21.40
N GLN E 221 -42.27 -21.36 21.04
CA GLN E 221 -42.84 -20.39 21.97
C GLN E 221 -44.28 -20.74 22.32
N GLY E 222 -45.06 -21.15 21.32
CA GLY E 222 -46.46 -21.48 21.52
C GLY E 222 -46.73 -22.83 22.13
N LEU E 223 -45.69 -23.62 22.39
CA LEU E 223 -45.84 -24.94 23.00
C LEU E 223 -45.50 -24.86 24.48
N SER E 224 -46.40 -25.36 25.33
CA SER E 224 -46.13 -25.38 26.76
C SER E 224 -44.92 -26.25 27.07
N SER E 225 -44.83 -27.41 26.44
CA SER E 225 -43.71 -28.32 26.62
C SER E 225 -43.25 -28.84 25.26
N PRO E 226 -41.95 -29.13 25.12
CA PRO E 226 -41.47 -29.66 23.84
C PRO E 226 -42.07 -31.02 23.54
N VAL E 227 -42.25 -31.31 22.25
CA VAL E 227 -42.82 -32.57 21.79
C VAL E 227 -41.69 -33.41 21.20
N THR E 228 -41.61 -34.67 21.63
CA THR E 228 -40.55 -35.59 21.22
C THR E 228 -41.14 -36.72 20.39
N LYS E 229 -40.58 -36.94 19.21
CA LYS E 229 -40.93 -38.07 18.35
C LYS E 229 -39.67 -38.90 18.13
N SER E 230 -39.76 -40.19 18.45
CA SER E 230 -38.59 -41.06 18.40
C SER E 230 -38.97 -42.40 17.78
N PHE E 231 -37.96 -43.07 17.24
CA PHE E 231 -38.13 -44.40 16.65
C PHE E 231 -36.89 -45.22 16.94
N ASN E 232 -37.06 -46.54 16.90
CA ASN E 232 -35.97 -47.47 17.16
C ASN E 232 -35.47 -48.06 15.84
N ARG E 233 -34.16 -48.27 15.76
CA ARG E 233 -33.57 -48.82 14.55
C ARG E 233 -34.14 -50.19 14.24
N GLY E 234 -34.52 -50.40 12.99
CA GLY E 234 -35.10 -51.66 12.56
C GLY E 234 -36.55 -51.80 12.95
N GLN F 23 -38.08 -0.03 -18.67
CA GLN F 23 -37.81 -1.49 -18.59
C GLN F 23 -37.40 -2.05 -19.94
N LEU F 24 -36.12 -1.89 -20.27
CA LEU F 24 -35.55 -2.34 -21.53
C LEU F 24 -34.31 -3.16 -21.17
N LEU F 25 -34.49 -4.47 -21.03
CA LEU F 25 -33.38 -5.34 -20.61
C LEU F 25 -33.68 -6.76 -21.02
N GLU F 26 -32.81 -7.35 -21.81
CA GLU F 26 -32.84 -8.77 -22.13
C GLU F 26 -31.45 -9.33 -21.91
N GLN F 27 -31.38 -10.54 -21.34
CA GLN F 27 -30.10 -11.12 -20.95
C GLN F 27 -30.08 -12.60 -21.29
N SER F 28 -28.87 -13.11 -21.49
CA SER F 28 -28.69 -14.54 -21.69
C SER F 28 -29.17 -15.31 -20.47
N GLY F 29 -29.79 -16.46 -20.73
CA GLY F 29 -30.29 -17.29 -19.67
C GLY F 29 -29.18 -17.77 -18.75
N PRO F 30 -29.54 -18.59 -17.77
CA PRO F 30 -28.55 -19.08 -16.82
C PRO F 30 -27.42 -19.80 -17.52
N GLU F 31 -26.21 -19.66 -16.98
CA GLU F 31 -25.03 -20.33 -17.50
C GLU F 31 -24.34 -21.08 -16.37
N VAL F 32 -23.74 -22.22 -16.72
CA VAL F 32 -22.98 -23.04 -15.79
C VAL F 32 -21.56 -23.15 -16.33
N LYS F 33 -20.58 -22.79 -15.51
CA LYS F 33 -19.19 -22.71 -15.95
C LYS F 33 -18.28 -23.37 -14.93
N LYS F 34 -17.16 -23.88 -15.43
CA LYS F 34 -16.15 -24.47 -14.56
C LYS F 34 -15.34 -23.37 -13.87
N PRO F 35 -14.83 -23.62 -12.67
CA PRO F 35 -14.03 -22.61 -11.98
C PRO F 35 -12.76 -22.27 -12.76
N GLY F 36 -12.32 -21.03 -12.61
CA GLY F 36 -11.13 -20.57 -13.30
C GLY F 36 -11.24 -20.52 -14.80
N ASP F 37 -12.36 -19.99 -15.31
CA ASP F 37 -12.58 -19.86 -16.75
C ASP F 37 -12.89 -18.41 -17.06
N SER F 38 -12.89 -18.07 -18.35
CA SER F 38 -13.16 -16.71 -18.81
C SER F 38 -14.63 -16.62 -19.21
N LEU F 39 -15.43 -15.99 -18.34
CA LEU F 39 -16.86 -15.86 -18.56
C LEU F 39 -17.16 -14.61 -19.39
N ARG F 40 -18.41 -14.53 -19.83
CA ARG F 40 -18.88 -13.39 -20.63
C ARG F 40 -20.40 -13.41 -20.64
N ILE F 41 -21.00 -12.25 -20.37
CA ILE F 41 -22.46 -12.14 -20.28
C ILE F 41 -22.86 -10.79 -20.86
N SER F 42 -23.92 -10.79 -21.67
CA SER F 42 -24.36 -9.61 -22.40
C SER F 42 -25.71 -9.15 -21.88
N CYS F 43 -25.91 -7.84 -21.88
CA CYS F 43 -27.13 -7.19 -21.37
C CYS F 43 -27.64 -6.22 -22.43
N LYS F 44 -28.42 -6.72 -23.37
CA LYS F 44 -28.95 -5.89 -24.43
C LYS F 44 -30.18 -5.12 -23.94
N MET F 45 -30.37 -3.93 -24.54
CA MET F 45 -31.49 -3.06 -24.18
C MET F 45 -32.47 -3.01 -25.33
N SER F 46 -33.74 -3.29 -25.05
CA SER F 46 -34.75 -3.28 -26.09
C SER F 46 -34.87 -1.92 -26.76
N GLY F 47 -34.58 -0.85 -26.03
CA GLY F 47 -34.58 0.47 -26.64
C GLY F 47 -33.56 0.58 -27.75
N ASP F 48 -32.44 -0.12 -27.62
CA ASP F 48 -31.38 -0.14 -28.64
C ASP F 48 -30.81 1.25 -28.89
N SER F 49 -30.94 2.16 -27.92
CA SER F 49 -30.40 3.51 -28.00
C SER F 49 -29.59 3.75 -26.73
N LEU F 50 -28.32 3.35 -26.74
CA LEU F 50 -27.42 3.57 -25.61
C LEU F 50 -26.63 4.85 -25.80
N VAL F 51 -27.38 5.95 -25.88
CA VAL F 51 -26.80 7.27 -26.09
C VAL F 51 -26.77 8.11 -24.81
N THR F 52 -27.77 7.96 -23.93
CA THR F 52 -27.78 8.65 -22.64
C THR F 52 -28.23 7.70 -21.55
N THR F 53 -27.75 6.45 -21.59
CA THR F 53 -28.11 5.43 -20.61
C THR F 53 -26.85 5.01 -19.87
N TRP F 54 -26.90 5.08 -18.54
CA TRP F 54 -25.75 4.72 -17.70
C TRP F 54 -25.96 3.31 -17.15
N ILE F 55 -25.68 2.32 -18.00
CA ILE F 55 -25.85 0.94 -17.58
C ILE F 55 -25.05 0.70 -16.30
N GLY F 56 -25.73 0.19 -15.27
CA GLY F 56 -25.07 -0.20 -14.05
C GLY F 56 -24.88 -1.71 -13.98
N TRP F 57 -24.44 -2.18 -12.82
CA TRP F 57 -24.25 -3.61 -12.61
C TRP F 57 -24.32 -3.89 -11.11
N VAL F 58 -25.37 -4.58 -10.69
CA VAL F 58 -25.61 -4.87 -9.28
C VAL F 58 -25.65 -6.38 -9.09
N ARG F 59 -24.80 -6.89 -8.20
CA ARG F 59 -24.69 -8.31 -7.93
C ARG F 59 -25.42 -8.63 -6.63
N GLN F 60 -26.11 -9.78 -6.61
CA GLN F 60 -26.94 -10.14 -5.46
C GLN F 60 -26.91 -11.65 -5.30
N LYS F 61 -26.01 -12.13 -4.45
CA LYS F 61 -25.96 -13.56 -4.18
C LYS F 61 -27.10 -13.97 -3.24
N PRO F 62 -27.66 -15.17 -3.42
CA PRO F 62 -28.75 -15.59 -2.53
C PRO F 62 -28.30 -15.65 -1.08
N GLY F 63 -29.21 -15.31 -0.17
CA GLY F 63 -28.98 -15.41 1.25
C GLY F 63 -28.67 -14.09 1.93
N GLN F 64 -28.33 -13.05 1.17
CA GLN F 64 -28.01 -11.75 1.75
C GLN F 64 -28.48 -10.66 0.80
N GLY F 65 -28.23 -9.41 1.22
CA GLY F 65 -28.63 -8.28 0.42
C GLY F 65 -27.72 -8.04 -0.77
N LEU F 66 -28.19 -7.16 -1.65
CA LEU F 66 -27.45 -6.87 -2.87
C LEU F 66 -26.38 -5.81 -2.62
N GLU F 67 -25.47 -5.68 -3.59
CA GLU F 67 -24.35 -4.77 -3.47
C GLU F 67 -23.92 -4.29 -4.85
N TRP F 68 -23.55 -3.01 -4.93
CA TRP F 68 -23.22 -2.39 -6.21
C TRP F 68 -21.85 -2.88 -6.68
N MET F 69 -21.68 -2.97 -8.00
CA MET F 69 -20.47 -3.53 -8.60
C MET F 69 -19.73 -2.55 -9.49
N GLY F 70 -20.42 -1.88 -10.42
CA GLY F 70 -19.75 -0.96 -11.30
C GLY F 70 -20.67 -0.09 -12.13
N ILE F 71 -20.15 1.01 -12.67
CA ILE F 71 -20.90 1.94 -13.50
C ILE F 71 -20.12 2.17 -14.79
N ILE F 72 -20.82 2.14 -15.93
CA ILE F 72 -20.23 2.41 -17.23
C ILE F 72 -21.00 3.53 -17.89
N ASN F 73 -20.28 4.51 -18.41
CA ASN F 73 -20.87 5.66 -19.09
C ASN F 73 -20.65 5.56 -20.58
N PRO F 74 -21.71 5.49 -21.40
CA PRO F 74 -21.51 5.60 -22.85
C PRO F 74 -21.04 6.97 -23.30
N GLY F 75 -21.25 8.00 -22.48
CA GLY F 75 -20.91 9.35 -22.90
C GLY F 75 -19.42 9.61 -22.93
N ASP F 76 -19.07 10.77 -23.46
CA ASP F 76 -17.67 11.16 -23.61
C ASP F 76 -17.10 11.57 -22.26
N SER F 77 -15.86 12.09 -22.28
CA SER F 77 -15.17 12.49 -21.06
C SER F 77 -15.81 13.73 -20.46
N SER F 78 -16.74 14.36 -21.18
CA SER F 78 -17.33 15.60 -20.71
C SER F 78 -18.01 15.42 -19.35
N THR F 79 -18.56 14.24 -19.06
CA THR F 79 -19.36 14.05 -17.87
C THR F 79 -18.67 13.16 -16.83
N ASN F 80 -18.33 11.92 -17.18
CA ASN F 80 -17.64 11.01 -16.26
C ASN F 80 -18.16 11.16 -14.84
N ILE F 81 -17.27 11.17 -13.86
CA ILE F 81 -17.58 11.42 -12.46
C ILE F 81 -16.61 12.48 -11.95
N TYR F 82 -16.82 12.91 -10.70
CA TYR F 82 -16.05 14.01 -10.12
C TYR F 82 -14.57 13.98 -10.49
N PRO F 83 -13.79 12.96 -10.14
CA PRO F 83 -12.37 12.99 -10.52
C PRO F 83 -12.13 13.26 -11.99
N GLY F 84 -12.98 12.75 -12.87
CA GLY F 84 -12.74 12.84 -14.30
C GLY F 84 -11.95 11.68 -14.85
N ASP F 85 -11.85 10.57 -14.11
CA ASP F 85 -11.08 9.41 -14.54
C ASP F 85 -11.85 8.62 -15.58
N SER F 86 -11.39 7.40 -15.89
CA SER F 86 -12.07 6.58 -16.87
C SER F 86 -13.56 6.51 -16.58
N ALA F 87 -14.33 6.21 -17.62
CA ALA F 87 -15.79 6.19 -17.54
C ALA F 87 -16.34 4.84 -17.11
N THR F 88 -15.56 4.04 -16.39
CA THR F 88 -15.98 2.72 -15.93
C THR F 88 -15.60 2.52 -14.48
N ARG F 89 -15.87 3.52 -13.64
CA ARG F 89 -15.48 3.42 -12.24
C ARG F 89 -16.17 2.23 -11.58
N TYR F 90 -15.39 1.42 -10.87
CA TYR F 90 -15.85 0.16 -10.33
C TYR F 90 -16.19 0.30 -8.85
N GLY F 91 -16.67 -0.79 -8.28
CA GLY F 91 -17.06 -0.81 -6.88
C GLY F 91 -15.87 -0.70 -5.96
N PRO F 92 -16.06 -1.04 -4.68
CA PRO F 92 -14.96 -0.93 -3.71
C PRO F 92 -13.99 -2.09 -3.78
N SER F 93 -14.47 -3.26 -4.15
CA SER F 93 -13.65 -4.47 -4.19
C SER F 93 -13.89 -5.24 -5.49
N PHE F 94 -13.94 -4.52 -6.61
CA PHE F 94 -14.13 -5.15 -7.91
C PHE F 94 -13.23 -4.54 -8.98
N GLN F 95 -12.09 -4.00 -8.60
CA GLN F 95 -11.19 -3.39 -9.58
C GLN F 95 -10.30 -4.46 -10.19
N GLY F 96 -10.38 -4.62 -11.51
CA GLY F 96 -9.61 -5.63 -12.20
C GLY F 96 -10.24 -7.00 -12.14
N GLN F 97 -10.75 -7.37 -10.97
CA GLN F 97 -11.41 -8.67 -10.83
C GLN F 97 -12.66 -8.74 -11.68
N VAL F 98 -13.17 -7.60 -12.14
CA VAL F 98 -14.24 -7.53 -13.12
C VAL F 98 -13.82 -6.54 -14.20
N THR F 99 -14.37 -6.71 -15.40
CA THR F 99 -14.23 -5.74 -16.48
C THR F 99 -15.62 -5.48 -17.06
N ILE F 100 -16.02 -4.21 -17.09
CA ILE F 100 -17.32 -3.80 -17.61
C ILE F 100 -17.08 -3.03 -18.90
N SER F 101 -17.79 -3.42 -19.95
CA SER F 101 -17.60 -2.83 -21.26
C SER F 101 -18.95 -2.64 -21.95
N ILE F 102 -18.97 -1.74 -22.91
CA ILE F 102 -20.16 -1.46 -23.72
C ILE F 102 -19.77 -1.52 -25.18
N ASP F 103 -20.76 -1.80 -26.03
CA ASP F 103 -20.59 -1.80 -27.48
C ASP F 103 -21.72 -0.96 -28.06
N LYS F 104 -21.50 0.36 -28.12
CA LYS F 104 -22.53 1.26 -28.59
C LYS F 104 -22.87 1.03 -30.06
N SER F 105 -21.85 0.74 -30.88
CA SER F 105 -22.10 0.54 -32.30
C SER F 105 -23.04 -0.64 -32.52
N THR F 106 -22.83 -1.73 -31.80
CA THR F 106 -23.70 -2.91 -31.88
C THR F 106 -24.90 -2.81 -30.96
N SER F 107 -24.95 -1.79 -30.08
CA SER F 107 -26.09 -1.57 -29.20
C SER F 107 -26.24 -2.70 -28.18
N THR F 108 -25.11 -3.17 -27.66
CA THR F 108 -25.10 -4.26 -26.70
C THR F 108 -24.16 -3.92 -25.55
N ALA F 109 -24.48 -4.46 -24.38
CA ALA F 109 -23.63 -4.34 -23.20
C ALA F 109 -22.96 -5.68 -22.91
N TYR F 110 -22.04 -5.66 -21.94
CA TYR F 110 -21.31 -6.87 -21.59
C TYR F 110 -20.67 -6.69 -20.22
N LEU F 111 -20.24 -7.82 -19.65
CA LEU F 111 -19.55 -7.86 -18.38
C LEU F 111 -18.32 -8.74 -18.53
N GLN F 112 -17.49 -8.41 -19.52
CA GLN F 112 -16.32 -9.22 -19.85
C GLN F 112 -15.59 -9.64 -18.59
N TRP F 113 -15.43 -10.95 -18.41
CA TRP F 113 -14.98 -11.53 -17.16
C TRP F 113 -13.61 -12.16 -17.35
N ASN F 114 -12.95 -12.50 -16.24
CA ASN F 114 -11.73 -13.30 -16.28
C ASN F 114 -11.55 -14.03 -14.96
N ASN F 115 -11.08 -15.28 -15.03
CA ASN F 115 -10.64 -16.04 -13.86
C ASN F 115 -11.77 -16.19 -12.84
N VAL F 116 -12.79 -16.95 -13.24
CA VAL F 116 -13.91 -17.23 -12.36
C VAL F 116 -13.43 -17.86 -11.06
N LYS F 117 -14.01 -17.39 -9.95
CA LYS F 117 -13.83 -18.00 -8.64
C LYS F 117 -15.07 -18.82 -8.29
N ALA F 118 -14.93 -19.61 -7.23
CA ALA F 118 -16.02 -20.50 -6.82
C ALA F 118 -17.09 -19.77 -6.02
N SER F 119 -16.78 -18.57 -5.51
CA SER F 119 -17.69 -17.84 -4.64
C SER F 119 -18.47 -16.74 -5.36
N ASP F 120 -18.50 -16.76 -6.69
CA ASP F 120 -19.19 -15.73 -7.47
C ASP F 120 -20.56 -16.18 -7.97
N THR F 121 -21.21 -17.10 -7.26
CA THR F 121 -22.55 -17.51 -7.64
C THR F 121 -23.56 -16.46 -7.22
N GLY F 122 -24.55 -16.22 -8.09
CA GLY F 122 -25.62 -15.29 -7.77
C GLY F 122 -26.28 -14.76 -9.04
N ILE F 123 -26.76 -13.53 -8.94
CA ILE F 123 -27.47 -12.86 -10.02
C ILE F 123 -26.73 -11.57 -10.35
N TYR F 124 -26.91 -11.10 -11.58
CA TYR F 124 -26.21 -9.91 -12.07
C TYR F 124 -27.20 -9.08 -12.88
N TYR F 125 -27.49 -7.88 -12.41
CA TYR F 125 -28.60 -7.07 -12.89
C TYR F 125 -28.11 -5.95 -13.80
N CYS F 126 -29.07 -5.22 -14.36
CA CYS F 126 -28.80 -4.05 -15.19
C CYS F 126 -29.73 -2.93 -14.76
N ALA F 127 -29.25 -1.69 -14.90
CA ALA F 127 -30.03 -0.53 -14.47
C ALA F 127 -29.63 0.67 -15.32
N ARG F 128 -30.57 1.61 -15.47
CA ARG F 128 -30.29 2.80 -16.25
C ARG F 128 -29.38 3.78 -15.52
N HIS F 129 -29.62 3.98 -14.22
CA HIS F 129 -28.72 4.74 -13.36
C HIS F 129 -28.45 6.14 -13.92
N VAL F 130 -29.52 6.93 -14.01
CA VAL F 130 -29.39 8.33 -14.41
C VAL F 130 -28.76 9.09 -13.25
N PRO F 131 -27.57 9.68 -13.41
CA PRO F 131 -26.85 10.20 -12.24
C PRO F 131 -27.45 11.46 -11.65
N VAL F 132 -26.78 12.03 -10.65
CA VAL F 132 -27.22 13.23 -9.96
C VAL F 132 -26.22 14.34 -10.28
N PRO F 133 -26.68 15.54 -10.62
CA PRO F 133 -25.72 16.60 -10.97
C PRO F 133 -24.86 17.00 -9.78
N ILE F 134 -23.75 17.67 -10.07
CA ILE F 134 -22.78 18.00 -9.04
C ILE F 134 -23.30 19.16 -8.21
N SER F 135 -23.15 19.06 -6.89
CA SER F 135 -23.55 20.10 -5.96
C SER F 135 -22.36 20.48 -5.09
N GLY F 136 -22.11 21.78 -4.98
CA GLY F 136 -21.03 22.29 -4.16
C GLY F 136 -20.18 23.31 -4.91
N THR F 137 -18.88 23.03 -4.98
CA THR F 137 -17.90 23.95 -5.55
C THR F 137 -17.08 23.22 -6.61
N PHE F 138 -16.78 23.92 -7.70
CA PHE F 138 -16.11 23.31 -8.83
C PHE F 138 -15.75 24.41 -9.83
N LEU F 139 -14.68 24.19 -10.61
CA LEU F 139 -14.28 25.16 -11.61
C LEU F 139 -15.24 25.15 -12.79
N TRP F 140 -15.04 26.11 -13.69
CA TRP F 140 -15.78 26.09 -14.95
C TRP F 140 -15.41 24.86 -15.77
N ARG F 141 -14.17 24.40 -15.66
CA ARG F 141 -13.77 23.20 -16.39
C ARG F 141 -14.44 21.94 -15.84
N GLU F 142 -14.72 21.89 -14.55
CA GLU F 142 -15.25 20.72 -13.88
C GLU F 142 -16.78 20.77 -13.77
N ARG F 143 -17.42 21.70 -14.46
CA ARG F 143 -18.87 21.74 -14.50
C ARG F 143 -19.43 20.44 -15.06
N GLU F 144 -20.74 20.27 -14.94
CA GLU F 144 -21.46 19.13 -15.51
C GLU F 144 -20.77 17.80 -15.21
N MET F 145 -20.22 17.65 -14.01
CA MET F 145 -19.49 16.45 -13.63
C MET F 145 -20.37 15.65 -12.68
N HIS F 146 -21.13 14.71 -13.22
CA HIS F 146 -22.17 14.02 -12.47
C HIS F 146 -21.59 13.25 -11.28
N ASP F 147 -22.51 12.77 -10.44
CA ASP F 147 -22.20 11.85 -9.34
C ASP F 147 -23.18 10.69 -9.38
N PHE F 148 -22.90 9.67 -8.58
CA PHE F 148 -23.71 8.46 -8.59
C PHE F 148 -25.09 8.74 -7.99
N GLY F 149 -25.93 7.70 -7.95
CA GLY F 149 -27.12 7.77 -7.11
C GLY F 149 -28.40 7.09 -7.54
N TYR F 150 -28.61 6.81 -8.82
CA TYR F 150 -29.85 6.18 -9.25
C TYR F 150 -29.56 4.85 -9.93
N PHE F 151 -30.59 4.01 -9.96
CA PHE F 151 -30.61 2.84 -10.85
C PHE F 151 -31.93 2.68 -11.58
N ASP F 152 -33.04 3.19 -11.05
CA ASP F 152 -34.29 3.34 -11.81
C ASP F 152 -34.81 1.95 -12.16
N ASP F 153 -35.17 1.68 -13.41
CA ASP F 153 -35.87 0.45 -13.75
C ASP F 153 -34.90 -0.69 -14.04
N TRP F 154 -35.14 -1.83 -13.41
CA TRP F 154 -34.33 -3.02 -13.57
C TRP F 154 -35.02 -3.97 -14.54
N GLY F 155 -34.40 -5.12 -14.80
CA GLY F 155 -35.02 -6.09 -15.66
C GLY F 155 -34.55 -7.52 -15.46
N GLN F 156 -35.51 -8.42 -15.23
CA GLN F 156 -35.26 -9.85 -15.08
C GLN F 156 -33.94 -10.12 -14.36
N GLY F 157 -33.05 -10.88 -14.97
CA GLY F 157 -31.78 -11.18 -14.36
C GLY F 157 -31.18 -12.43 -14.97
N THR F 158 -29.99 -12.77 -14.48
CA THR F 158 -29.23 -13.91 -14.96
C THR F 158 -28.76 -14.73 -13.77
N LEU F 159 -28.17 -15.89 -14.08
CA LEU F 159 -27.74 -16.82 -13.04
C LEU F 159 -26.45 -17.48 -13.52
N VAL F 160 -25.35 -17.23 -12.81
CA VAL F 160 -24.08 -17.89 -13.06
C VAL F 160 -23.75 -18.73 -11.84
N ILE F 161 -23.58 -20.04 -12.04
CA ILE F 161 -23.24 -20.97 -11.00
C ILE F 161 -22.00 -21.74 -11.42
N VAL F 162 -20.97 -21.72 -10.58
CA VAL F 162 -19.70 -22.35 -10.87
C VAL F 162 -19.26 -23.15 -9.66
N SER F 163 -18.88 -24.41 -9.88
CA SER F 163 -18.41 -25.28 -8.81
C SER F 163 -17.62 -26.41 -9.44
N SER F 164 -16.79 -27.05 -8.62
CA SER F 164 -15.97 -28.14 -9.11
C SER F 164 -16.82 -29.30 -9.63
N ALA F 165 -18.00 -29.49 -9.06
CA ALA F 165 -18.86 -30.60 -9.47
C ALA F 165 -19.27 -30.44 -10.93
N SER F 166 -19.38 -31.57 -11.61
CA SER F 166 -19.81 -31.60 -13.00
C SER F 166 -21.31 -31.91 -13.08
N THR F 167 -21.86 -31.78 -14.29
CA THR F 167 -23.28 -32.06 -14.50
C THR F 167 -23.56 -33.53 -14.21
N LYS F 168 -24.59 -33.79 -13.40
CA LYS F 168 -24.99 -35.14 -13.06
C LYS F 168 -26.50 -35.19 -12.92
N GLY F 169 -27.05 -36.39 -13.04
CA GLY F 169 -28.48 -36.60 -12.90
C GLY F 169 -28.91 -36.64 -11.46
N PRO F 170 -30.22 -36.65 -11.24
CA PRO F 170 -30.75 -36.68 -9.88
C PRO F 170 -30.96 -38.10 -9.36
N SER F 171 -30.87 -38.21 -8.04
CA SER F 171 -31.14 -39.45 -7.32
C SER F 171 -32.45 -39.27 -6.56
N VAL F 172 -33.51 -39.91 -7.05
CA VAL F 172 -34.84 -39.78 -6.47
C VAL F 172 -35.08 -40.97 -5.55
N PHE F 173 -35.34 -40.69 -4.28
CA PHE F 173 -35.64 -41.72 -3.30
C PHE F 173 -37.05 -41.53 -2.74
N PRO F 174 -37.87 -42.57 -2.70
CA PRO F 174 -39.24 -42.42 -2.18
C PRO F 174 -39.23 -42.26 -0.67
N LEU F 175 -39.91 -41.22 -0.19
CA LEU F 175 -40.11 -41.01 1.24
C LEU F 175 -41.31 -41.86 1.65
N ALA F 176 -41.03 -43.11 2.00
CA ALA F 176 -42.09 -44.09 2.21
C ALA F 176 -43.04 -43.63 3.31
N PRO F 177 -44.34 -43.54 3.05
CA PRO F 177 -45.28 -43.21 4.13
C PRO F 177 -45.39 -44.34 5.14
N SER F 178 -45.75 -43.97 6.37
CA SER F 178 -45.92 -44.95 7.44
C SER F 178 -46.90 -44.39 8.46
N SER F 179 -47.47 -45.29 9.26
CA SER F 179 -48.35 -44.87 10.34
C SER F 179 -47.64 -43.94 11.30
N LYS F 180 -46.31 -44.08 11.43
CA LYS F 180 -45.54 -43.14 12.23
C LYS F 180 -45.64 -41.73 11.68
N SER F 181 -45.60 -41.59 10.35
CA SER F 181 -45.70 -40.29 9.70
C SER F 181 -47.14 -39.85 9.45
N THR F 182 -48.12 -40.66 9.83
CA THR F 182 -49.51 -40.32 9.60
C THR F 182 -50.05 -39.48 10.76
N SER F 183 -50.68 -38.36 10.43
CA SER F 183 -51.27 -37.46 11.41
C SER F 183 -52.75 -37.29 11.07
N GLY F 184 -53.62 -37.87 11.89
CA GLY F 184 -55.04 -37.81 11.60
C GLY F 184 -55.36 -38.44 10.26
N GLY F 185 -56.25 -37.78 9.51
CA GLY F 185 -56.62 -38.30 8.20
C GLY F 185 -55.58 -38.07 7.14
N THR F 186 -54.80 -37.00 7.26
CA THR F 186 -53.80 -36.63 6.25
C THR F 186 -52.43 -37.12 6.70
N ALA F 187 -51.80 -37.94 5.87
CA ALA F 187 -50.49 -38.50 6.19
C ALA F 187 -49.39 -37.57 5.68
N ALA F 188 -48.14 -38.00 5.86
CA ALA F 188 -46.97 -37.25 5.43
C ALA F 188 -46.10 -38.14 4.56
N LEU F 189 -45.66 -37.62 3.43
CA LEU F 189 -44.79 -38.35 2.51
C LEU F 189 -44.22 -37.36 1.49
N GLY F 190 -43.50 -37.90 0.52
CA GLY F 190 -42.90 -37.07 -0.51
C GLY F 190 -41.86 -37.86 -1.29
N CYS F 191 -41.02 -37.12 -2.01
CA CYS F 191 -39.94 -37.70 -2.79
C CYS F 191 -38.67 -36.92 -2.51
N LEU F 192 -37.60 -37.64 -2.19
CA LEU F 192 -36.30 -37.05 -1.88
C LEU F 192 -35.43 -37.05 -3.13
N VAL F 193 -34.88 -35.88 -3.46
CA VAL F 193 -33.98 -35.72 -4.59
C VAL F 193 -32.63 -35.25 -4.06
N LYS F 194 -31.57 -35.94 -4.45
CA LYS F 194 -30.25 -35.66 -3.90
C LYS F 194 -29.19 -36.00 -4.94
N ASP F 195 -27.99 -35.45 -4.73
CA ASP F 195 -26.83 -35.71 -5.58
C ASP F 195 -27.10 -35.33 -7.04
N TYR F 196 -27.29 -34.03 -7.25
CA TYR F 196 -27.50 -33.50 -8.60
C TYR F 196 -26.87 -32.13 -8.72
N PHE F 197 -26.61 -31.74 -9.96
CA PHE F 197 -26.08 -30.43 -10.31
C PHE F 197 -26.06 -30.33 -11.83
N PRO F 198 -26.25 -29.14 -12.42
CA PRO F 198 -26.64 -27.87 -11.79
C PRO F 198 -28.15 -27.70 -11.69
N GLU F 199 -28.58 -26.62 -11.01
CA GLU F 199 -29.99 -26.33 -10.87
C GLU F 199 -30.55 -25.82 -12.20
N PRO F 200 -31.89 -25.82 -12.36
CA PRO F 200 -32.92 -26.26 -11.41
C PRO F 200 -33.47 -27.65 -11.72
N VAL F 201 -34.21 -28.20 -10.77
CA VAL F 201 -34.94 -29.44 -10.96
C VAL F 201 -36.42 -29.15 -10.73
N THR F 202 -37.21 -29.27 -11.80
CA THR F 202 -38.64 -29.02 -11.72
C THR F 202 -39.34 -30.30 -11.25
N VAL F 203 -40.05 -30.19 -10.14
CA VAL F 203 -40.69 -31.34 -9.50
C VAL F 203 -42.20 -31.16 -9.58
N SER F 204 -42.87 -32.16 -10.15
CA SER F 204 -44.33 -32.23 -10.18
C SER F 204 -44.73 -33.42 -9.33
N TRP F 205 -44.85 -33.19 -8.02
CA TRP F 205 -45.14 -34.28 -7.10
C TRP F 205 -46.53 -34.85 -7.37
N ASN F 206 -46.62 -36.18 -7.33
CA ASN F 206 -47.88 -36.90 -7.52
C ASN F 206 -48.41 -36.76 -8.95
N SER F 207 -47.56 -36.38 -9.89
CA SER F 207 -47.99 -36.20 -11.28
C SER F 207 -49.16 -35.24 -11.34
N GLY F 208 -50.20 -35.60 -12.10
CA GLY F 208 -51.39 -34.77 -12.20
C GLY F 208 -52.34 -34.98 -11.05
N ALA F 209 -51.90 -34.63 -9.84
CA ALA F 209 -52.72 -34.74 -8.64
C ALA F 209 -52.95 -33.36 -8.03
N LEU F 210 -54.09 -33.20 -7.38
CA LEU F 210 -54.42 -31.92 -6.76
C LEU F 210 -53.40 -31.59 -5.68
N THR F 211 -53.07 -30.30 -5.58
CA THR F 211 -52.10 -29.81 -4.62
C THR F 211 -52.83 -29.17 -3.44
N SER F 212 -52.54 -29.64 -2.23
CA SER F 212 -53.17 -29.11 -1.03
C SER F 212 -52.16 -29.26 0.11
N GLY F 213 -51.48 -28.17 0.45
CA GLY F 213 -50.47 -28.20 1.48
C GLY F 213 -49.12 -28.72 1.05
N VAL F 214 -48.94 -29.05 -0.24
CA VAL F 214 -47.66 -29.54 -0.71
C VAL F 214 -46.62 -28.45 -0.59
N HIS F 215 -45.47 -28.78 -0.01
CA HIS F 215 -44.38 -27.84 0.19
C HIS F 215 -43.14 -28.37 -0.52
N THR F 216 -42.52 -27.52 -1.33
CA THR F 216 -41.28 -27.85 -2.04
C THR F 216 -40.21 -26.89 -1.54
N PHE F 217 -39.34 -27.38 -0.67
CA PHE F 217 -38.33 -26.51 -0.06
C PHE F 217 -37.22 -26.22 -1.07
N PRO F 218 -36.57 -25.07 -0.97
CA PRO F 218 -35.52 -24.72 -1.92
C PRO F 218 -34.31 -25.63 -1.80
N ALA F 219 -33.59 -25.76 -2.91
CA ALA F 219 -32.40 -26.60 -2.93
C ALA F 219 -31.36 -26.10 -1.94
N VAL F 220 -30.67 -27.03 -1.30
CA VAL F 220 -29.68 -26.73 -0.28
C VAL F 220 -28.35 -27.36 -0.68
N LEU F 221 -27.27 -26.60 -0.55
CA LEU F 221 -25.93 -27.09 -0.84
C LEU F 221 -25.42 -27.85 0.37
N GLN F 222 -25.41 -29.18 0.27
CA GLN F 222 -24.95 -30.03 1.35
C GLN F 222 -23.43 -30.23 1.23
N SER F 223 -22.89 -31.16 2.00
CA SER F 223 -21.45 -31.41 1.98
C SER F 223 -21.05 -32.01 0.64
N SER F 224 -19.74 -31.98 0.38
CA SER F 224 -19.16 -32.52 -0.85
C SER F 224 -19.55 -31.69 -2.08
N GLY F 225 -20.04 -30.47 -1.87
CA GLY F 225 -20.42 -29.63 -2.99
C GLY F 225 -21.53 -30.21 -3.83
N LEU F 226 -22.58 -30.71 -3.18
CA LEU F 226 -23.71 -31.33 -3.86
C LEU F 226 -25.00 -30.67 -3.41
N TYR F 227 -26.02 -30.78 -4.25
CA TYR F 227 -27.31 -30.14 -4.04
C TYR F 227 -28.37 -31.18 -3.72
N SER F 228 -29.29 -30.81 -2.83
CA SER F 228 -30.40 -31.67 -2.45
C SER F 228 -31.66 -30.83 -2.36
N LEU F 229 -32.80 -31.48 -2.63
CA LEU F 229 -34.09 -30.83 -2.54
C LEU F 229 -35.14 -31.87 -2.16
N SER F 230 -36.06 -31.46 -1.30
CA SER F 230 -37.12 -32.33 -0.81
C SER F 230 -38.47 -31.70 -1.11
N SER F 231 -39.45 -32.56 -1.41
CA SER F 231 -40.83 -32.14 -1.65
C SER F 231 -41.73 -33.00 -0.77
N VAL F 232 -42.58 -32.37 0.02
CA VAL F 232 -43.44 -33.04 0.98
C VAL F 232 -44.88 -32.66 0.69
N VAL F 233 -45.77 -33.65 0.68
CA VAL F 233 -47.19 -33.44 0.44
C VAL F 233 -47.98 -34.20 1.50
N THR F 234 -49.00 -33.56 2.05
CA THR F 234 -49.89 -34.17 3.02
C THR F 234 -51.16 -34.62 2.30
N VAL F 235 -51.46 -35.91 2.42
CA VAL F 235 -52.55 -36.51 1.64
C VAL F 235 -53.45 -37.35 2.53
N PRO F 236 -54.74 -37.48 2.22
CA PRO F 236 -55.61 -38.34 3.02
C PRO F 236 -55.15 -39.79 2.98
N SER F 237 -55.39 -40.51 4.09
CA SER F 237 -54.99 -41.90 4.17
C SER F 237 -55.73 -42.76 3.16
N SER F 238 -57.03 -42.51 2.98
CA SER F 238 -57.79 -43.32 2.02
C SER F 238 -57.31 -43.10 0.59
N SER F 239 -56.98 -41.87 0.22
CA SER F 239 -56.49 -41.60 -1.13
C SER F 239 -55.23 -42.39 -1.42
N LEU F 240 -54.39 -42.62 -0.40
CA LEU F 240 -53.18 -43.40 -0.60
C LEU F 240 -53.51 -44.80 -1.11
N GLY F 241 -54.51 -45.44 -0.52
CA GLY F 241 -54.89 -46.77 -0.97
C GLY F 241 -55.75 -46.78 -2.22
N THR F 242 -56.46 -45.69 -2.47
CA THR F 242 -57.38 -45.62 -3.60
C THR F 242 -56.84 -44.83 -4.78
N GLN F 243 -55.61 -44.32 -4.70
CA GLN F 243 -55.02 -43.59 -5.81
C GLN F 243 -53.51 -43.57 -5.62
N THR F 244 -52.77 -43.43 -6.73
CA THR F 244 -51.33 -43.59 -6.74
C THR F 244 -50.63 -42.25 -6.86
N TYR F 245 -49.37 -42.22 -6.39
CA TYR F 245 -48.55 -41.00 -6.40
C TYR F 245 -47.27 -41.29 -7.16
N ILE F 246 -46.94 -40.41 -8.11
CA ILE F 246 -45.69 -40.49 -8.86
C ILE F 246 -45.09 -39.09 -8.93
N CYS F 247 -43.81 -38.97 -8.56
CA CYS F 247 -43.12 -37.70 -8.60
C CYS F 247 -42.39 -37.58 -9.93
N ASN F 248 -42.65 -36.49 -10.65
CA ASN F 248 -42.07 -36.27 -11.98
C ASN F 248 -41.00 -35.20 -11.87
N VAL F 249 -39.75 -35.58 -12.12
CA VAL F 249 -38.60 -34.69 -12.00
C VAL F 249 -37.94 -34.57 -13.36
N ASN F 250 -37.56 -33.34 -13.73
CA ASN F 250 -36.94 -33.05 -15.02
C ASN F 250 -35.64 -32.30 -14.77
N HIS F 251 -34.54 -33.03 -14.67
CA HIS F 251 -33.21 -32.42 -14.52
C HIS F 251 -32.73 -32.00 -15.89
N LYS F 252 -33.30 -30.89 -16.38
CA LYS F 252 -32.97 -30.41 -17.71
C LYS F 252 -31.47 -30.21 -17.91
N PRO F 253 -30.73 -29.58 -16.99
CA PRO F 253 -29.31 -29.31 -17.26
C PRO F 253 -28.50 -30.54 -17.61
N SER F 254 -28.76 -31.68 -16.97
CA SER F 254 -28.13 -32.93 -17.33
C SER F 254 -28.99 -33.76 -18.28
N ASN F 255 -30.16 -33.26 -18.68
CA ASN F 255 -31.03 -33.89 -19.66
C ASN F 255 -31.71 -35.11 -19.04
N THR F 256 -31.33 -35.48 -17.82
CA THR F 256 -31.93 -36.64 -17.18
C THR F 256 -33.35 -36.33 -16.73
N LYS F 257 -34.28 -37.20 -17.11
CA LYS F 257 -35.68 -37.07 -16.72
C LYS F 257 -36.11 -38.40 -16.10
N VAL F 258 -36.64 -38.34 -14.89
CA VAL F 258 -37.03 -39.53 -14.12
C VAL F 258 -38.44 -39.34 -13.59
N ASP F 259 -39.13 -40.45 -13.39
CA ASP F 259 -40.50 -40.45 -12.86
C ASP F 259 -40.60 -41.57 -11.84
N LYS F 260 -40.52 -41.22 -10.56
CA LYS F 260 -40.46 -42.20 -9.48
C LYS F 260 -41.80 -42.22 -8.73
N LYS F 261 -42.25 -43.43 -8.41
CA LYS F 261 -43.52 -43.64 -7.71
C LYS F 261 -43.26 -43.95 -6.24
N VAL F 262 -44.17 -43.47 -5.39
CA VAL F 262 -44.08 -43.66 -3.95
C VAL F 262 -45.28 -44.48 -3.50
N GLU F 263 -45.02 -45.57 -2.78
CA GLU F 263 -46.05 -46.45 -2.27
C GLU F 263 -45.67 -46.88 -0.86
N PRO F 264 -46.65 -47.33 -0.05
CA PRO F 264 -46.39 -47.77 1.32
C PRO F 264 -45.27 -48.80 1.41
#